data_7O7T
#
_entry.id   7O7T
#
_cell.length_a   78.232
_cell.length_b   78.232
_cell.length_c   266.799
_cell.angle_alpha   90.000
_cell.angle_beta   90.000
_cell.angle_gamma   120.000
#
_symmetry.space_group_name_H-M   'P 31 2 1'
#
loop_
_entity.id
_entity.type
_entity.pdbx_description
1 polymer 'Poly(Beta-D-mannuronate) lyase'
2 non-polymer '4-deoxy-L-erythro-hex-5-ulosuronic acid'
3 non-polymer GLYCEROL
4 non-polymer 1,2-ETHANEDIOL
5 water water
#
_entity_poly.entity_id   1
_entity_poly.type   'polypeptide(L)'
_entity_poly.pdbx_seq_one_letter_code
;MGLVENIKQFNDAVSSVKPGDEIVLANGSWNDVELVLKGKGLPDKPITLKAQTPGKVIITGQSNLAFSGEYIVISGLVFK
DGATPTGEVISFRTSNEDVANHSRVTNTVIDNFSTDLRQMSDLWVAMYGKHNRLDHNSLVNKRNRGVTVAVRMNSEASRK
NHHIIEYNYFGPRQILGANGGETLRIGTSHFSREYSNTTAQYNYFDRTNGEHEIISNKSSGNSLIKNVFFETQGTLTMRH
GHFTKVEGNYFLGNRKPNTGGIRIINESQTVSNNYMYGLTGKRLRGALVIMNGVPNSPPNRYDPVIDSAMNNNIVIDSDH
IELGAGADAERSAAPSTSEFKGNIILGKSNLEPFTLYDDMSGINFEGNYLNDEASTPIKTGFASTPYSVTTNQYGLKSPD
KALLDEIGFGEVKLPVTKEEVGADFYPKNEALVAFQSGKTIHVKAGTDTLTSALATSQGGDVLVLENGADYLLTKFAEVH
HPVTIMAKAGKKPVIRSQKPNFINIENGGALEVENLWFDGAESPDYKGNTIIGTSGYSMNINYNLSVRNVKVTDLDVNGY
FYFFKANAGTFADSIEIIDSEFSNITGAILQLNREVDDLGVYSVENLVISGNTFTNVKEEVVTVYRGGTDESTFGPMVSV
TNNTLTNVGKGSTHRSGASMYFHGVQKLNISETKWDNSAPLELFLTNGGPITVIDNVEMKNTDKIRANNDEYESSNVTYD
;
_entity_poly.pdbx_strand_id   A
#
loop_
_chem_comp.id
_chem_comp.type
_chem_comp.name
_chem_comp.formula
EDO non-polymer 1,2-ETHANEDIOL 'C2 H6 O2'
GOL non-polymer GLYCEROL 'C3 H8 O3'
V4W non-polymer '4-deoxy-L-erythro-hex-5-ulosuronic acid' 'C6 H8 O6'
#
# COMPACT_ATOMS: atom_id res chain seq x y z
N MET A 1 33.06 13.70 22.91
CA MET A 1 33.45 13.90 24.30
C MET A 1 33.44 12.60 25.09
N GLY A 2 32.38 11.80 24.94
CA GLY A 2 32.22 10.57 25.71
C GLY A 2 31.85 9.44 24.77
N LEU A 3 32.81 8.54 24.52
CA LEU A 3 32.58 7.35 23.70
C LEU A 3 32.10 6.22 24.58
N VAL A 4 31.04 5.52 24.12
CA VAL A 4 30.42 4.46 24.90
C VAL A 4 30.24 3.22 24.03
N GLU A 5 30.38 2.08 24.68
CA GLU A 5 30.34 0.80 24.02
C GLU A 5 29.38 -0.17 24.63
N ASN A 6 28.67 0.23 25.66
CA ASN A 6 27.65 -0.60 26.22
C ASN A 6 26.56 0.24 26.85
N ILE A 7 25.42 -0.35 27.10
CA ILE A 7 24.33 0.39 27.66
C ILE A 7 24.70 1.00 28.98
N LYS A 8 25.43 0.27 29.81
CA LYS A 8 25.82 0.83 31.10
C LYS A 8 26.58 2.13 30.94
N GLN A 9 27.55 2.16 30.02
CA GLN A 9 28.33 3.39 29.80
C GLN A 9 27.45 4.50 29.26
N PHE A 10 26.55 4.17 28.32
CA PHE A 10 25.64 5.17 27.79
C PHE A 10 24.86 5.85 28.90
N ASN A 11 24.24 5.06 29.79
CA ASN A 11 23.41 5.67 30.82
C ASN A 11 24.22 6.52 31.78
N ASP A 12 25.49 6.16 32.02
CA ASP A 12 26.33 7.00 32.87
C ASP A 12 26.61 8.35 32.21
N ALA A 13 27.00 8.34 30.93
CA ALA A 13 27.37 9.59 30.27
C ALA A 13 26.18 10.55 30.14
N VAL A 14 24.96 10.03 29.96
CA VAL A 14 23.81 10.91 29.79
C VAL A 14 23.16 11.27 31.13
N SER A 15 23.63 10.69 32.24
CA SER A 15 23.08 11.05 33.55
C SER A 15 23.25 12.54 33.83
N SER A 16 24.35 13.13 33.36
CA SER A 16 24.53 14.56 33.45
C SER A 16 25.16 15.04 32.15
N VAL A 17 24.53 16.02 31.52
CA VAL A 17 24.97 16.55 30.24
C VAL A 17 24.86 18.06 30.31
N LYS A 18 25.71 18.71 29.54
CA LYS A 18 25.77 20.17 29.46
C LYS A 18 25.85 20.55 27.99
N PRO A 19 25.49 21.78 27.65
CA PRO A 19 25.61 22.24 26.27
C PRO A 19 26.96 21.90 25.66
N GLY A 20 26.94 21.44 24.42
CA GLY A 20 28.14 21.19 23.67
C GLY A 20 28.70 19.77 23.76
N ASP A 21 28.42 19.03 24.83
CA ASP A 21 29.09 17.75 24.93
C ASP A 21 28.33 16.70 24.12
N GLU A 22 29.06 15.72 23.64
CA GLU A 22 28.52 14.74 22.72
C GLU A 22 28.75 13.35 23.30
N ILE A 23 27.84 12.45 22.96
CA ILE A 23 27.91 11.08 23.38
C ILE A 23 28.02 10.29 22.14
N VAL A 24 29.06 9.50 22.00
CA VAL A 24 29.26 8.74 20.81
C VAL A 24 29.09 7.28 21.07
N LEU A 25 28.30 6.64 20.24
CA LEU A 25 28.09 5.23 20.38
C LEU A 25 29.13 4.62 19.55
N ALA A 26 29.85 3.69 20.11
CA ALA A 26 30.89 3.05 19.36
C ALA A 26 30.29 2.14 18.36
N ASN A 27 31.00 1.87 17.28
CA ASN A 27 30.56 0.99 16.21
C ASN A 27 30.30 -0.41 16.74
N GLY A 28 29.38 -1.11 16.09
CA GLY A 28 28.99 -2.45 16.46
C GLY A 28 27.49 -2.58 16.58
N SER A 29 27.07 -3.71 17.14
CA SER A 29 25.66 -4.02 17.35
C SER A 29 25.23 -3.57 18.73
N TRP A 30 24.12 -2.84 18.79
CA TRP A 30 23.50 -2.42 20.03
C TRP A 30 22.15 -3.11 20.07
N ASN A 31 22.08 -4.24 20.78
CA ASN A 31 20.92 -5.10 20.78
C ASN A 31 20.09 -4.85 22.04
N ASP A 32 18.77 -4.75 21.87
CA ASP A 32 17.82 -4.67 22.98
C ASP A 32 18.13 -3.50 23.91
N VAL A 33 18.29 -2.30 23.36
CA VAL A 33 18.65 -1.11 24.15
C VAL A 33 17.53 -0.08 24.08
N GLU A 34 17.13 0.44 25.24
CA GLU A 34 16.17 1.54 25.31
C GLU A 34 16.95 2.81 25.64
N LEU A 35 17.28 3.60 24.62
CA LEU A 35 18.11 4.80 24.77
C LEU A 35 17.25 5.99 25.17
N VAL A 36 17.61 6.60 26.30
CA VAL A 36 16.89 7.75 26.86
C VAL A 36 17.89 8.87 27.09
N LEU A 37 17.57 10.07 26.58
CA LEU A 37 18.46 11.21 26.71
C LEU A 37 17.64 12.43 27.07
N LYS A 38 17.99 13.08 28.18
CA LYS A 38 17.39 14.34 28.56
C LYS A 38 18.49 15.36 28.79
N GLY A 39 18.29 16.58 28.31
CA GLY A 39 19.25 17.63 28.54
C GLY A 39 18.78 18.92 27.90
N LYS A 40 19.50 19.99 28.23
CA LYS A 40 19.23 21.33 27.70
C LYS A 40 20.54 21.87 27.10
N GLY A 41 20.62 21.83 25.76
CA GLY A 41 21.72 22.43 25.03
C GLY A 41 21.45 23.90 24.74
N LEU A 42 22.19 24.43 23.78
CA LEU A 42 22.13 25.83 23.42
C LEU A 42 22.15 25.94 21.90
N PRO A 43 21.64 27.05 21.35
CA PRO A 43 21.72 27.26 19.88
C PRO A 43 23.10 27.00 19.29
N ASP A 44 24.15 27.55 19.90
CA ASP A 44 25.49 27.32 19.40
C ASP A 44 26.11 26.04 19.95
N LYS A 45 25.53 25.46 21.00
CA LYS A 45 26.14 24.36 21.76
C LYS A 45 25.10 23.29 22.04
N PRO A 46 24.76 22.48 21.04
CA PRO A 46 23.77 21.42 21.24
C PRO A 46 24.36 20.26 22.05
N ILE A 47 23.45 19.38 22.47
CA ILE A 47 23.80 18.09 23.04
C ILE A 47 23.56 17.04 21.95
N THR A 48 24.62 16.29 21.59
CA THR A 48 24.60 15.44 20.41
C THR A 48 24.77 13.97 20.79
N LEU A 49 23.85 13.14 20.32
CA LEU A 49 24.01 11.70 20.32
C LEU A 49 24.29 11.29 18.88
N LYS A 50 25.47 10.69 18.65
CA LYS A 50 25.91 10.42 17.30
C LYS A 50 26.58 9.06 17.25
N ALA A 51 26.64 8.51 16.05
CA ALA A 51 27.36 7.26 15.82
C ALA A 51 28.84 7.55 15.67
N GLN A 52 29.66 6.56 16.03
CA GLN A 52 31.10 6.68 15.80
C GLN A 52 31.39 6.78 14.31
N THR A 53 30.89 5.83 13.53
CA THR A 53 30.94 5.88 12.07
C THR A 53 29.52 5.71 11.55
N PRO A 54 28.91 6.76 11.00
CA PRO A 54 27.59 6.59 10.37
C PRO A 54 27.54 5.37 9.46
N GLY A 55 26.59 4.47 9.73
CA GLY A 55 26.47 3.22 9.02
C GLY A 55 27.05 2.02 9.75
N LYS A 56 27.77 2.25 10.85
CA LYS A 56 28.43 1.17 11.59
C LYS A 56 27.91 1.03 13.01
N VAL A 57 26.99 1.87 13.45
CA VAL A 57 26.30 1.68 14.73
C VAL A 57 24.91 1.15 14.41
N ILE A 58 24.70 -0.15 14.66
CA ILE A 58 23.48 -0.87 14.31
C ILE A 58 22.69 -1.15 15.58
N ILE A 59 21.62 -0.39 15.79
CA ILE A 59 20.68 -0.63 16.88
C ILE A 59 19.65 -1.65 16.40
N THR A 60 19.44 -2.72 17.17
CA THR A 60 18.68 -3.86 16.68
C THR A 60 17.97 -4.52 17.86
N GLY A 61 17.18 -5.56 17.57
CA GLY A 61 16.41 -6.17 18.65
C GLY A 61 15.31 -5.26 19.17
N GLN A 62 14.96 -5.45 20.45
CA GLN A 62 13.89 -4.68 21.09
C GLN A 62 14.46 -3.36 21.60
N SER A 63 14.54 -2.39 20.71
CA SER A 63 15.24 -1.15 21.00
C SER A 63 14.40 0.06 20.59
N ASN A 64 14.74 1.22 21.16
CA ASN A 64 14.10 2.46 20.81
C ASN A 64 14.97 3.60 21.30
N LEU A 65 14.51 4.82 21.04
CA LEU A 65 15.22 6.04 21.42
C LEU A 65 14.18 7.09 21.73
N ALA A 66 14.31 7.70 22.91
CA ALA A 66 13.40 8.71 23.40
C ALA A 66 14.24 9.86 23.95
N PHE A 67 13.87 11.10 23.62
CA PHE A 67 14.66 12.21 24.13
C PHE A 67 13.78 13.42 24.36
N SER A 68 14.20 14.26 25.32
CA SER A 68 13.46 15.44 25.73
C SER A 68 14.42 16.50 26.24
N GLY A 69 13.92 17.74 26.30
CA GLY A 69 14.74 18.88 26.67
C GLY A 69 14.86 19.88 25.53
N GLU A 70 16.08 20.37 25.25
CA GLU A 70 16.27 21.42 24.28
C GLU A 70 17.56 21.22 23.51
N TYR A 71 17.55 21.66 22.26
CA TYR A 71 18.73 21.67 21.37
C TYR A 71 19.50 20.36 21.44
N ILE A 72 18.76 19.25 21.29
CA ILE A 72 19.38 17.94 21.15
C ILE A 72 19.53 17.63 19.67
N VAL A 73 20.66 17.02 19.32
CA VAL A 73 20.90 16.56 17.96
C VAL A 73 21.15 15.06 18.01
N ILE A 74 20.54 14.33 17.08
CA ILE A 74 20.74 12.90 16.94
C ILE A 74 21.08 12.60 15.49
N SER A 75 22.23 11.98 15.26
CA SER A 75 22.76 11.82 13.90
C SER A 75 23.49 10.49 13.75
N GLY A 76 23.50 10.00 12.51
CA GLY A 76 24.32 8.87 12.11
C GLY A 76 23.88 7.50 12.60
N LEU A 77 22.73 7.38 13.27
CA LEU A 77 22.33 6.09 13.80
C LEU A 77 21.61 5.24 12.76
N VAL A 78 21.64 3.92 12.98
CA VAL A 78 20.86 2.96 12.21
C VAL A 78 20.05 2.10 13.16
N PHE A 79 18.74 2.02 12.94
CA PHE A 79 17.87 1.04 13.60
C PHE A 79 17.49 0.01 12.54
N LYS A 80 17.94 -1.23 12.71
CA LYS A 80 17.76 -2.23 11.66
C LYS A 80 17.34 -3.56 12.27
N ASP A 81 16.31 -4.18 11.67
CA ASP A 81 15.87 -5.54 12.02
C ASP A 81 15.60 -5.69 13.52
N GLY A 82 14.56 -5.00 13.95
CA GLY A 82 14.14 -5.05 15.34
C GLY A 82 12.69 -4.64 15.46
N ALA A 83 12.30 -4.24 16.67
CA ALA A 83 10.98 -3.68 16.91
C ALA A 83 11.00 -2.93 18.22
N THR A 84 10.36 -1.76 18.27
CA THR A 84 10.33 -1.04 19.53
C THR A 84 9.44 -1.75 20.55
N PRO A 85 9.85 -1.81 21.82
CA PRO A 85 8.94 -2.27 22.87
C PRO A 85 7.85 -1.28 23.26
N THR A 86 8.02 0.02 22.94
CA THR A 86 6.97 0.99 23.20
C THR A 86 6.13 1.15 21.93
N GLY A 87 5.50 2.32 21.74
CA GLY A 87 4.70 2.57 20.56
C GLY A 87 5.46 3.29 19.46
N GLU A 88 6.74 3.58 19.68
CA GLU A 88 7.48 4.52 18.86
C GLU A 88 8.93 4.08 18.82
N VAL A 89 9.53 4.14 17.64
CA VAL A 89 10.95 3.80 17.51
C VAL A 89 11.82 4.99 17.91
N ILE A 90 11.66 6.14 17.25
CA ILE A 90 12.33 7.38 17.63
C ILE A 90 11.27 8.37 18.10
N SER A 91 11.41 8.83 19.34
CA SER A 91 10.40 9.66 19.98
C SER A 91 11.00 10.98 20.44
N PHE A 92 10.38 12.09 20.05
CA PHE A 92 10.79 13.41 20.50
C PHE A 92 10.21 13.76 21.87
N ARG A 93 9.97 12.74 22.70
CA ARG A 93 9.56 12.98 24.07
C ARG A 93 10.10 11.82 24.92
N THR A 94 10.14 12.04 26.23
CA THR A 94 10.46 10.95 27.17
C THR A 94 9.32 10.64 28.13
N SER A 95 8.27 11.44 28.14
CA SER A 95 7.08 11.15 28.93
C SER A 95 5.96 12.03 28.39
N ASN A 96 4.76 11.85 28.92
CA ASN A 96 3.63 12.66 28.45
C ASN A 96 3.91 14.15 28.63
N GLU A 97 4.68 14.53 29.65
CA GLU A 97 4.93 15.94 29.95
C GLU A 97 6.29 16.45 29.48
N ASP A 98 7.23 15.57 29.17
CA ASP A 98 8.59 15.98 28.87
C ASP A 98 8.85 15.74 27.39
N VAL A 99 8.92 16.82 26.62
CA VAL A 99 9.07 16.75 25.18
C VAL A 99 10.38 17.41 24.78
N ALA A 100 10.82 17.14 23.56
CA ALA A 100 11.96 17.84 22.99
C ALA A 100 11.51 19.05 22.19
N ASN A 101 12.19 20.18 22.39
CA ASN A 101 12.06 21.37 21.56
C ASN A 101 13.40 21.70 20.91
N HIS A 102 13.33 22.47 19.83
CA HIS A 102 14.51 22.92 19.10
C HIS A 102 15.51 21.79 18.90
N SER A 103 15.03 20.58 18.65
CA SER A 103 15.89 19.42 18.51
C SER A 103 15.80 18.87 17.10
N ARG A 104 16.72 17.95 16.78
CA ARG A 104 16.94 17.55 15.41
C ARG A 104 17.34 16.08 15.33
N VAL A 105 16.75 15.36 14.39
CA VAL A 105 17.14 13.99 14.07
C VAL A 105 17.52 13.99 12.59
N THR A 106 18.76 13.62 12.31
CA THR A 106 19.28 13.75 10.96
C THR A 106 20.23 12.59 10.63
N ASN A 107 20.34 12.30 9.33
CA ASN A 107 21.27 11.30 8.79
C ASN A 107 21.14 9.94 9.47
N THR A 108 19.90 9.53 9.71
CA THR A 108 19.62 8.35 10.49
C THR A 108 18.72 7.42 9.67
N VAL A 109 18.86 6.12 9.90
CA VAL A 109 18.16 5.09 9.14
C VAL A 109 17.28 4.29 10.09
N ILE A 110 16.05 4.02 9.67
CA ILE A 110 15.27 2.95 10.26
C ILE A 110 14.95 1.99 9.13
N ASP A 111 15.40 0.75 9.28
CA ASP A 111 15.30 -0.25 8.22
C ASP A 111 14.70 -1.50 8.83
N ASN A 112 13.46 -1.78 8.45
CA ASN A 112 12.74 -2.97 8.91
C ASN A 112 12.73 -3.06 10.43
N PHE A 113 12.19 -2.03 11.05
CA PHE A 113 12.03 -2.11 12.49
C PHE A 113 10.56 -2.44 12.74
N SER A 114 10.17 -3.56 12.10
CA SER A 114 8.78 -4.01 11.98
C SER A 114 8.52 -5.14 12.97
N THR A 115 7.35 -5.14 13.59
CA THR A 115 6.95 -6.30 14.37
C THR A 115 6.78 -7.51 13.46
N ASP A 116 7.08 -8.70 14.00
CA ASP A 116 6.77 -9.93 13.28
C ASP A 116 5.28 -10.05 12.96
N LEU A 117 4.41 -9.56 13.84
CA LEU A 117 2.97 -9.54 13.60
C LEU A 117 2.62 -8.37 12.70
N ARG A 118 2.12 -8.66 11.50
CA ARG A 118 1.90 -7.56 10.56
C ARG A 118 0.77 -6.63 11.00
N GLN A 119 -0.15 -7.10 11.84
CA GLN A 119 -1.30 -6.30 12.26
C GLN A 119 -0.98 -5.32 13.39
N MET A 120 0.16 -5.43 14.06
CA MET A 120 0.48 -4.52 15.15
C MET A 120 0.95 -3.19 14.57
N SER A 121 0.42 -2.09 15.09
CA SER A 121 0.80 -0.75 14.64
C SER A 121 1.79 -0.13 15.60
N ASP A 122 2.81 0.55 15.04
CA ASP A 122 3.62 1.49 15.80
C ASP A 122 3.96 2.69 14.91
N LEU A 123 4.55 3.72 15.53
CA LEU A 123 5.09 4.86 14.80
C LEU A 123 6.60 4.74 14.75
N TRP A 124 7.18 5.00 13.57
CA TRP A 124 8.64 4.95 13.49
C TRP A 124 9.29 6.23 14.00
N VAL A 125 8.81 7.40 13.58
CA VAL A 125 9.25 8.67 14.17
C VAL A 125 8.04 9.41 14.68
N ALA A 126 8.03 9.71 15.98
CA ALA A 126 6.96 10.46 16.62
C ALA A 126 7.50 11.82 17.04
N MET A 127 7.04 12.88 16.37
CA MET A 127 7.46 14.25 16.70
C MET A 127 6.49 14.87 17.70
N TYR A 128 7.06 15.40 18.77
CA TYR A 128 6.35 16.19 19.77
C TYR A 128 7.06 17.55 19.93
N GLY A 129 6.59 18.34 20.86
CA GLY A 129 7.35 19.56 21.11
C GLY A 129 7.18 20.61 20.02
N LYS A 130 8.13 21.56 19.99
CA LYS A 130 8.08 22.69 19.08
C LYS A 130 9.43 22.90 18.42
N HIS A 131 9.39 23.40 17.18
CA HIS A 131 10.59 23.79 16.42
C HIS A 131 11.59 22.65 16.30
N ASN A 132 11.09 21.46 15.98
CA ASN A 132 11.95 20.33 15.74
C ASN A 132 12.16 20.13 14.26
N ARG A 133 13.25 19.45 13.95
CA ARG A 133 13.66 19.22 12.58
C ARG A 133 13.88 17.72 12.37
N LEU A 134 13.38 17.20 11.24
CA LEU A 134 13.56 15.80 10.86
C LEU A 134 14.03 15.80 9.41
N ASP A 135 15.30 15.56 9.19
CA ASP A 135 15.85 15.80 7.87
C ASP A 135 16.90 14.77 7.52
N HIS A 136 17.00 14.51 6.22
CA HIS A 136 18.04 13.67 5.62
C HIS A 136 18.10 12.28 6.25
N ASN A 137 16.92 11.67 6.44
CA ASN A 137 16.80 10.35 7.04
C ASN A 137 16.23 9.36 6.03
N SER A 138 16.53 8.09 6.25
CA SER A 138 16.06 7.00 5.38
C SER A 138 15.17 6.06 6.20
N LEU A 139 13.92 5.94 5.79
CA LEU A 139 12.96 5.05 6.45
C LEU A 139 12.50 4.02 5.43
N VAL A 140 12.91 2.76 5.61
CA VAL A 140 12.72 1.72 4.60
C VAL A 140 12.24 0.42 5.23
N ASN A 141 11.43 -0.33 4.47
CA ASN A 141 10.98 -1.67 4.85
C ASN A 141 10.15 -1.66 6.12
N LYS A 142 9.17 -0.78 6.19
CA LYS A 142 8.18 -0.87 7.25
C LYS A 142 7.16 -1.91 6.84
N ARG A 143 7.09 -3.03 7.57
CA ARG A 143 6.26 -4.13 7.16
C ARG A 143 5.01 -4.32 8.01
N ASN A 144 4.84 -3.55 9.07
CA ASN A 144 3.66 -3.68 9.90
C ASN A 144 2.76 -2.47 9.66
N ARG A 145 1.68 -2.37 10.43
CA ARG A 145 0.79 -1.23 10.32
C ARG A 145 1.32 -0.03 11.10
N GLY A 146 0.67 1.11 10.94
CA GLY A 146 1.05 2.34 11.62
C GLY A 146 1.60 3.37 10.66
N VAL A 147 1.94 4.52 11.23
CA VAL A 147 2.46 5.65 10.48
C VAL A 147 3.97 5.61 10.56
N THR A 148 4.63 5.88 9.43
CA THR A 148 6.09 5.98 9.45
C THR A 148 6.55 7.24 10.19
N VAL A 149 5.98 8.40 9.87
CA VAL A 149 6.30 9.64 10.59
C VAL A 149 5.00 10.30 11.02
N ALA A 150 4.82 10.51 12.33
CA ALA A 150 3.67 11.23 12.86
C ALA A 150 4.10 12.48 13.62
N VAL A 151 3.43 13.60 13.34
CA VAL A 151 3.48 14.80 14.17
C VAL A 151 2.33 14.73 15.16
N ARG A 152 2.65 14.66 16.45
CA ARG A 152 1.63 14.54 17.47
C ARG A 152 1.11 15.91 17.89
N MET A 153 -0.13 15.91 18.40
CA MET A 153 -0.88 17.12 18.66
C MET A 153 -1.69 16.98 19.94
N ASN A 154 -1.35 16.01 20.79
CA ASN A 154 -2.20 15.65 21.93
C ASN A 154 -2.06 16.58 23.13
N SER A 155 -1.14 17.54 23.11
CA SER A 155 -1.12 18.55 24.16
C SER A 155 -0.66 19.90 23.60
N GLU A 156 -0.92 20.97 24.38
CA GLU A 156 -0.52 22.31 23.94
C GLU A 156 0.97 22.37 23.64
N ALA A 157 1.79 21.65 24.41
CA ALA A 157 3.23 21.70 24.22
C ALA A 157 3.67 21.21 22.84
N SER A 158 2.84 20.41 22.14
CA SER A 158 3.18 19.90 20.81
C SER A 158 2.45 20.61 19.65
N ARG A 159 1.44 21.43 19.94
CA ARG A 159 0.74 22.18 18.89
C ARG A 159 1.53 23.43 18.49
N LYS A 160 1.11 24.04 17.38
CA LYS A 160 1.80 25.21 16.82
C LYS A 160 3.30 24.99 16.84
N ASN A 161 3.70 23.81 16.38
CA ASN A 161 5.06 23.30 16.54
C ASN A 161 6.05 23.89 15.54
N HIS A 162 5.60 24.32 14.37
CA HIS A 162 6.51 24.75 13.30
C HIS A 162 7.63 23.75 13.02
N HIS A 163 7.36 22.44 13.19
CA HIS A 163 8.37 21.46 12.85
C HIS A 163 8.71 21.54 11.35
N ILE A 164 9.92 21.10 11.02
CA ILE A 164 10.35 20.97 9.64
C ILE A 164 10.73 19.51 9.36
N ILE A 165 10.11 18.91 8.34
CA ILE A 165 10.39 17.53 7.91
C ILE A 165 10.83 17.61 6.46
N GLU A 166 12.08 17.26 6.18
CA GLU A 166 12.61 17.65 4.87
C GLU A 166 13.78 16.76 4.46
N TYR A 167 13.92 16.59 3.15
CA TYR A 167 15.00 15.81 2.53
C TYR A 167 15.04 14.36 3.03
N ASN A 168 13.90 13.83 3.45
CA ASN A 168 13.86 12.43 3.86
C ASN A 168 13.53 11.51 2.69
N TYR A 169 14.05 10.29 2.76
CA TYR A 169 13.72 9.23 1.81
C TYR A 169 12.74 8.28 2.48
N PHE A 170 11.53 8.19 1.92
CA PHE A 170 10.51 7.25 2.38
C PHE A 170 10.43 6.12 1.36
N GLY A 171 11.04 4.97 1.69
CA GLY A 171 11.14 3.87 0.74
C GLY A 171 9.82 3.15 0.55
N PRO A 172 9.85 2.14 -0.33
CA PRO A 172 8.63 1.37 -0.64
C PRO A 172 7.92 0.88 0.61
N ARG A 173 6.60 0.99 0.58
CA ARG A 173 5.74 0.51 1.66
C ARG A 173 4.70 -0.38 1.02
N GLN A 174 4.73 -1.67 1.34
CA GLN A 174 3.81 -2.62 0.74
C GLN A 174 2.37 -2.32 1.14
N ILE A 175 1.44 -2.78 0.30
CA ILE A 175 0.01 -2.67 0.60
C ILE A 175 -0.31 -3.47 1.85
N LEU A 176 -1.03 -2.84 2.78
CA LEU A 176 -1.23 -3.48 4.08
C LEU A 176 -2.41 -4.43 4.12
N GLY A 177 -3.44 -4.21 3.32
CA GLY A 177 -4.65 -4.99 3.46
C GLY A 177 -5.47 -4.61 4.66
N ALA A 178 -5.45 -3.34 5.04
CA ALA A 178 -6.11 -2.80 6.22
C ALA A 178 -5.90 -1.30 6.20
N ASN A 179 -6.64 -0.60 7.05
CA ASN A 179 -6.45 0.84 7.23
C ASN A 179 -5.19 1.12 8.04
N GLY A 180 -4.68 2.32 7.88
CA GLY A 180 -3.63 2.77 8.79
C GLY A 180 -2.24 2.38 8.34
N GLY A 181 -1.90 2.72 7.10
CA GLY A 181 -0.56 2.56 6.59
C GLY A 181 -0.04 3.85 5.99
N GLU A 182 -0.40 4.98 6.61
CA GLU A 182 0.06 6.27 6.13
C GLU A 182 1.57 6.39 6.28
N THR A 183 2.18 7.12 5.37
CA THR A 183 3.60 7.44 5.51
C THR A 183 3.81 8.62 6.45
N LEU A 184 3.07 9.71 6.25
CA LEU A 184 3.16 10.91 7.10
C LEU A 184 1.77 11.28 7.58
N ARG A 185 1.61 11.39 8.90
CA ARG A 185 0.37 11.87 9.51
C ARG A 185 0.69 13.11 10.35
N ILE A 186 -0.06 14.19 10.13
CA ILE A 186 0.16 15.44 10.87
C ILE A 186 -1.09 15.70 11.71
N GLY A 187 -1.05 15.27 12.97
CA GLY A 187 -2.21 15.40 13.84
C GLY A 187 -3.08 14.16 13.83
N THR A 188 -4.15 14.21 14.62
CA THR A 188 -5.21 13.20 14.55
C THR A 188 -6.57 13.88 14.63
N SER A 189 -7.62 13.09 14.36
CA SER A 189 -8.96 13.64 14.28
C SER A 189 -9.40 14.27 15.58
N HIS A 190 -8.89 13.78 16.72
CA HIS A 190 -9.34 14.30 18.01
C HIS A 190 -8.81 15.70 18.28
N PHE A 191 -7.76 16.14 17.58
CA PHE A 191 -7.24 17.49 17.76
C PHE A 191 -7.16 18.22 16.43
N SER A 192 -8.10 17.94 15.52
CA SER A 192 -7.90 18.29 14.12
C SER A 192 -8.09 19.77 13.84
N ARG A 193 -8.84 20.47 14.68
CA ARG A 193 -9.00 21.91 14.49
C ARG A 193 -7.80 22.69 15.01
N GLU A 194 -6.98 22.09 15.83
CA GLU A 194 -5.82 22.78 16.34
C GLU A 194 -4.79 23.05 15.26
N TYR A 195 -3.99 24.07 15.44
CA TYR A 195 -2.98 24.43 14.49
C TYR A 195 -1.69 23.71 14.75
N SER A 196 -1.09 23.14 13.74
CA SER A 196 0.17 22.47 13.85
C SER A 196 1.29 23.28 13.27
N ASN A 197 1.03 23.89 12.13
CA ASN A 197 1.99 24.68 11.39
C ASN A 197 3.24 23.94 11.01
N THR A 198 3.12 22.70 10.65
CA THR A 198 4.24 21.87 10.22
C THR A 198 4.53 22.11 8.75
N THR A 199 5.81 22.12 8.39
CA THR A 199 6.25 22.11 7.00
C THR A 199 6.88 20.76 6.68
N ALA A 200 6.36 20.09 5.65
CA ALA A 200 7.00 18.92 5.07
C ALA A 200 7.42 19.27 3.65
N GLN A 201 8.71 19.23 3.39
CA GLN A 201 9.20 19.75 2.11
C GLN A 201 10.40 18.94 1.66
N TYR A 202 10.57 18.86 0.34
CA TYR A 202 11.74 18.24 -0.28
C TYR A 202 11.91 16.77 0.12
N ASN A 203 10.80 16.08 0.36
CA ASN A 203 10.86 14.66 0.67
C ASN A 203 10.54 13.83 -0.57
N TYR A 204 11.02 12.59 -0.55
CA TYR A 204 10.86 11.65 -1.65
C TYR A 204 10.07 10.46 -1.13
N PHE A 205 8.84 10.31 -1.61
CA PHE A 205 7.97 9.17 -1.31
C PHE A 205 8.10 8.17 -2.46
N ASP A 206 8.75 7.03 -2.19
CA ASP A 206 9.11 6.06 -3.21
C ASP A 206 8.22 4.82 -3.06
N ARG A 207 7.15 4.79 -3.84
CA ARG A 207 6.25 3.63 -3.86
C ARG A 207 5.72 3.34 -2.45
N THR A 208 5.44 4.41 -1.71
CA THR A 208 4.84 4.33 -0.39
C THR A 208 3.37 4.02 -0.61
N ASN A 209 3.03 2.73 -0.63
CA ASN A 209 1.70 2.26 -1.00
C ASN A 209 0.92 1.69 0.18
N GLY A 210 1.24 2.11 1.40
CA GLY A 210 0.61 1.48 2.56
C GLY A 210 -0.90 1.50 2.48
N GLU A 211 -1.45 2.67 2.23
CA GLU A 211 -2.87 2.86 2.12
C GLU A 211 -3.22 4.04 1.21
N HIS A 212 -4.49 4.36 1.12
CA HIS A 212 -4.99 5.44 0.28
C HIS A 212 -4.52 6.83 0.68
N GLU A 213 -4.10 6.99 1.93
CA GLU A 213 -3.60 8.27 2.41
C GLU A 213 -2.08 8.23 2.61
N ILE A 214 -1.34 8.71 1.61
CA ILE A 214 0.11 8.72 1.68
C ILE A 214 0.49 9.70 2.76
N ILE A 215 -0.02 10.91 2.65
CA ILE A 215 0.03 11.93 3.69
C ILE A 215 -1.40 12.11 4.17
N SER A 216 -1.63 11.89 5.45
CA SER A 216 -2.91 12.20 6.09
C SER A 216 -2.72 13.50 6.89
N ASN A 217 -3.15 14.62 6.33
CA ASN A 217 -3.08 15.92 7.00
C ASN A 217 -4.31 16.08 7.88
N LYS A 218 -4.09 16.20 9.20
CA LYS A 218 -5.19 16.18 10.17
C LYS A 218 -5.04 17.30 11.20
N SER A 219 -4.63 18.47 10.74
CA SER A 219 -4.42 19.63 11.62
C SER A 219 -4.30 20.86 10.72
N SER A 220 -4.50 22.05 11.31
CA SER A 220 -4.54 23.26 10.50
C SER A 220 -3.17 23.94 10.38
N GLY A 221 -3.01 24.71 9.30
CA GLY A 221 -1.87 25.57 9.08
C GLY A 221 -0.62 24.96 8.49
N ASN A 222 -0.67 23.72 7.98
CA ASN A 222 0.52 23.05 7.51
C ASN A 222 0.86 23.39 6.06
N SER A 223 2.14 23.21 5.73
CA SER A 223 2.65 23.39 4.37
C SER A 223 3.25 22.07 3.91
N LEU A 224 2.64 21.47 2.89
CA LEU A 224 3.12 20.25 2.23
C LEU A 224 3.57 20.68 0.84
N ILE A 225 4.87 20.84 0.66
CA ILE A 225 5.37 21.61 -0.48
C ILE A 225 6.63 20.95 -1.02
N LYS A 226 6.75 20.94 -2.34
CA LYS A 226 8.01 20.58 -3.01
C LYS A 226 8.46 19.15 -2.70
N ASN A 227 7.50 18.24 -2.56
CA ASN A 227 7.84 16.82 -2.43
C ASN A 227 7.67 16.10 -3.76
N VAL A 228 8.20 14.87 -3.81
CA VAL A 228 8.09 14.01 -4.97
C VAL A 228 7.41 12.72 -4.54
N PHE A 229 6.42 12.31 -5.31
CA PHE A 229 5.68 11.08 -5.08
C PHE A 229 5.88 10.18 -6.31
N PHE A 230 6.68 9.14 -6.15
CA PHE A 230 7.01 8.26 -7.26
C PHE A 230 6.16 7.00 -7.18
N GLU A 231 5.28 6.83 -8.17
CA GLU A 231 4.45 5.64 -8.31
C GLU A 231 3.84 5.26 -6.96
N THR A 232 3.30 6.28 -6.29
CA THR A 232 2.71 6.09 -4.98
C THR A 232 1.23 5.82 -5.10
N GLN A 233 0.77 4.70 -4.53
CA GLN A 233 -0.65 4.43 -4.47
C GLN A 233 -1.28 5.24 -3.35
N GLY A 234 -2.35 5.93 -3.66
CA GLY A 234 -3.06 6.73 -2.69
C GLY A 234 -2.94 8.21 -3.01
N THR A 235 -3.24 9.03 -2.00
CA THR A 235 -3.23 10.48 -2.24
C THR A 235 -2.54 11.22 -1.10
N LEU A 236 -2.25 12.48 -1.37
CA LEU A 236 -2.06 13.50 -0.33
C LEU A 236 -3.44 14.02 0.03
N THR A 237 -3.93 13.70 1.23
CA THR A 237 -5.28 14.07 1.65
C THR A 237 -5.27 15.15 2.73
N MET A 238 -6.05 16.22 2.53
CA MET A 238 -6.35 17.16 3.61
C MET A 238 -7.54 16.61 4.39
N ARG A 239 -7.24 15.69 5.28
CA ARG A 239 -8.29 14.86 5.84
C ARG A 239 -9.09 15.63 6.86
N HIS A 240 -8.41 16.32 7.77
CA HIS A 240 -9.05 17.22 8.73
C HIS A 240 -8.16 18.45 8.91
N GLY A 241 -8.79 19.58 9.21
CA GLY A 241 -8.06 20.80 9.45
C GLY A 241 -8.03 21.71 8.23
N HIS A 242 -7.79 23.00 8.50
CA HIS A 242 -7.93 24.07 7.53
C HIS A 242 -6.58 24.74 7.27
N PHE A 243 -6.59 25.65 6.30
CA PHE A 243 -5.46 26.53 6.02
C PHE A 243 -4.21 25.72 5.69
N THR A 244 -4.38 24.73 4.82
CA THR A 244 -3.28 23.93 4.34
C THR A 244 -2.74 24.53 3.05
N LYS A 245 -1.42 24.58 2.91
CA LYS A 245 -0.78 24.98 1.65
C LYS A 245 -0.13 23.76 1.01
N VAL A 246 -0.52 23.44 -0.22
CA VAL A 246 -0.04 22.24 -0.95
C VAL A 246 0.47 22.70 -2.32
N GLU A 247 1.79 22.82 -2.47
CA GLU A 247 2.32 23.49 -3.66
C GLU A 247 3.63 22.87 -4.07
N GLY A 248 3.91 22.93 -5.37
CA GLY A 248 5.18 22.47 -5.87
C GLY A 248 5.42 20.98 -5.81
N ASN A 249 4.43 20.17 -5.43
CA ASN A 249 4.65 18.72 -5.37
C ASN A 249 4.54 18.09 -6.76
N TYR A 250 5.33 17.04 -6.99
CA TYR A 250 5.38 16.32 -8.26
C TYR A 250 5.00 14.87 -8.02
N PHE A 251 3.93 14.43 -8.70
CA PHE A 251 3.42 13.07 -8.60
C PHE A 251 3.76 12.36 -9.90
N LEU A 252 4.64 11.36 -9.83
CA LEU A 252 5.08 10.59 -10.98
C LEU A 252 4.43 9.21 -10.92
N GLY A 253 3.16 9.16 -11.31
CA GLY A 253 2.41 7.92 -11.20
C GLY A 253 2.85 6.87 -12.23
N ASN A 254 3.24 7.32 -13.43
CA ASN A 254 3.75 6.44 -14.48
C ASN A 254 2.75 5.36 -14.89
N ARG A 255 1.46 5.70 -14.84
CA ARG A 255 0.38 4.81 -15.23
C ARG A 255 0.31 3.56 -14.36
N LYS A 256 0.92 3.58 -13.18
CA LYS A 256 0.77 2.45 -12.26
C LYS A 256 -0.62 2.46 -11.63
N PRO A 257 -1.11 1.31 -11.19
CA PRO A 257 -2.47 1.25 -10.65
C PRO A 257 -2.64 2.07 -9.38
N ASN A 258 -3.85 2.59 -9.21
CA ASN A 258 -4.28 3.26 -7.98
C ASN A 258 -3.42 4.48 -7.63
N THR A 259 -2.71 5.05 -8.61
CA THR A 259 -1.90 6.23 -8.38
C THR A 259 -2.78 7.49 -8.35
N GLY A 260 -2.86 8.13 -7.19
CA GLY A 260 -3.69 9.30 -7.00
C GLY A 260 -2.86 10.57 -6.80
N GLY A 261 -3.60 11.66 -6.57
CA GLY A 261 -2.98 12.97 -6.40
C GLY A 261 -3.31 13.67 -5.11
N ILE A 262 -4.13 14.72 -5.17
CA ILE A 262 -4.40 15.58 -4.03
C ILE A 262 -5.91 15.63 -3.78
N ARG A 263 -6.32 15.34 -2.55
CA ARG A 263 -7.73 15.37 -2.14
C ARG A 263 -8.02 16.50 -1.15
N ILE A 264 -8.85 17.47 -1.58
CA ILE A 264 -9.28 18.58 -0.75
C ILE A 264 -10.53 18.21 0.03
N ILE A 265 -10.48 18.34 1.35
CA ILE A 265 -11.63 18.37 2.25
C ILE A 265 -11.44 19.62 3.11
N ASN A 266 -12.51 20.08 3.76
CA ASN A 266 -12.44 21.16 4.76
C ASN A 266 -12.11 22.54 4.17
N GLU A 267 -11.66 23.50 5.00
CA GLU A 267 -11.71 24.92 4.65
C GLU A 267 -10.34 25.54 4.32
N SER A 268 -10.37 26.54 3.43
CA SER A 268 -9.27 27.47 3.18
C SER A 268 -7.98 26.74 2.79
N GLN A 269 -8.12 25.78 1.88
CA GLN A 269 -7.01 25.01 1.34
C GLN A 269 -6.50 25.66 0.07
N THR A 270 -5.18 25.69 -0.09
CA THR A 270 -4.54 26.17 -1.31
C THR A 270 -3.75 25.02 -1.92
N VAL A 271 -4.17 24.59 -3.11
CA VAL A 271 -3.52 23.50 -3.85
C VAL A 271 -3.11 24.08 -5.19
N SER A 272 -1.85 24.50 -5.33
CA SER A 272 -1.50 25.12 -6.59
C SER A 272 -0.08 24.79 -7.00
N ASN A 273 0.15 24.90 -8.31
CA ASN A 273 1.48 24.73 -8.91
C ASN A 273 2.05 23.36 -8.60
N ASN A 274 1.18 22.36 -8.50
CA ASN A 274 1.65 20.99 -8.44
C ASN A 274 1.69 20.42 -9.85
N TYR A 275 2.48 19.35 -10.01
CA TYR A 275 2.62 18.65 -11.29
C TYR A 275 2.20 17.20 -11.10
N MET A 276 1.36 16.70 -11.99
CA MET A 276 0.93 15.32 -11.89
C MET A 276 1.06 14.65 -13.25
N TYR A 277 1.59 13.41 -13.24
CA TYR A 277 1.75 12.67 -14.48
C TYR A 277 1.33 11.21 -14.33
N GLY A 278 0.49 10.74 -15.24
CA GLY A 278 0.21 9.31 -15.30
C GLY A 278 -0.54 8.76 -14.11
N LEU A 279 -1.43 9.54 -13.52
CA LEU A 279 -2.18 9.12 -12.35
C LEU A 279 -3.46 8.42 -12.80
N THR A 280 -3.64 7.17 -12.35
CA THR A 280 -4.77 6.35 -12.75
C THR A 280 -5.86 6.27 -11.70
N GLY A 281 -5.65 6.80 -10.49
CA GLY A 281 -6.62 6.59 -9.43
C GLY A 281 -7.95 7.25 -9.71
N LYS A 282 -8.98 6.68 -9.08
CA LYS A 282 -10.35 7.12 -9.29
C LYS A 282 -11.03 7.45 -7.96
N ARG A 283 -12.11 8.21 -8.07
CA ARG A 283 -13.00 8.53 -6.96
C ARG A 283 -12.20 9.24 -5.88
N LEU A 284 -12.17 8.74 -4.65
CA LEU A 284 -11.41 9.34 -3.57
C LEU A 284 -9.91 9.27 -3.79
N ARG A 285 -9.48 8.57 -4.83
CA ARG A 285 -8.09 8.43 -5.16
C ARG A 285 -7.77 9.04 -6.48
N GLY A 286 -8.55 9.99 -7.00
CA GLY A 286 -8.28 10.62 -8.28
C GLY A 286 -7.07 11.56 -8.21
N ALA A 287 -6.70 12.05 -9.41
CA ALA A 287 -5.57 12.96 -9.49
C ALA A 287 -5.86 14.27 -8.78
N LEU A 288 -7.07 14.81 -8.96
CA LEU A 288 -7.57 15.94 -8.19
C LEU A 288 -8.96 15.60 -7.69
N VAL A 289 -9.20 15.82 -6.39
CA VAL A 289 -10.45 15.50 -5.73
C VAL A 289 -10.84 16.67 -4.83
N ILE A 290 -12.10 17.09 -4.93
CA ILE A 290 -12.69 18.01 -3.98
C ILE A 290 -13.96 17.37 -3.44
N MET A 291 -13.99 17.08 -2.15
CA MET A 291 -15.12 16.39 -1.56
C MET A 291 -16.27 17.31 -1.19
N ASN A 292 -17.48 16.75 -1.26
CA ASN A 292 -18.61 17.15 -0.42
C ASN A 292 -18.36 16.86 1.05
N GLY A 293 -18.96 17.69 1.91
CA GLY A 293 -18.78 17.59 3.33
C GLY A 293 -20.12 17.60 4.06
N VAL A 294 -20.04 17.36 5.37
CA VAL A 294 -21.21 17.26 6.23
C VAL A 294 -21.47 18.64 6.83
N PRO A 295 -22.64 19.24 6.62
CA PRO A 295 -22.94 20.52 7.28
C PRO A 295 -22.89 20.33 8.79
N ASN A 296 -22.22 21.27 9.47
CA ASN A 296 -21.93 21.16 10.89
C ASN A 296 -21.34 19.81 11.23
N SER A 297 -20.32 19.44 10.46
CA SER A 297 -19.71 18.13 10.58
C SER A 297 -19.16 17.92 11.98
N PRO A 298 -19.32 16.73 12.55
CA PRO A 298 -18.48 16.35 13.68
C PRO A 298 -17.03 16.37 13.26
N PRO A 299 -16.10 16.56 14.20
CA PRO A 299 -14.68 16.68 13.83
C PRO A 299 -14.12 15.45 13.13
N ASN A 300 -14.77 14.30 13.20
CA ASN A 300 -14.24 13.08 12.63
C ASN A 300 -14.87 12.71 11.30
N ARG A 301 -15.70 13.57 10.72
CA ARG A 301 -16.29 13.30 9.42
C ARG A 301 -15.62 14.13 8.34
N TYR A 302 -16.34 15.10 7.78
CA TYR A 302 -15.80 15.91 6.67
C TYR A 302 -16.38 17.32 6.73
N ASP A 303 -15.52 18.33 6.90
CA ASP A 303 -16.04 19.71 6.79
C ASP A 303 -16.23 20.08 5.32
N PRO A 304 -17.33 20.76 4.98
CA PRO A 304 -17.53 21.25 3.62
C PRO A 304 -16.35 22.10 3.14
N VAL A 305 -16.04 21.98 1.86
CA VAL A 305 -14.95 22.77 1.29
C VAL A 305 -15.45 24.19 1.06
N ILE A 306 -14.69 25.15 1.60
CA ILE A 306 -15.00 26.56 1.56
C ILE A 306 -13.69 27.29 1.37
N ASP A 307 -13.72 28.38 0.61
CA ASP A 307 -12.59 29.32 0.52
C ASP A 307 -11.31 28.63 0.07
N SER A 308 -11.45 27.63 -0.80
CA SER A 308 -10.28 26.89 -1.27
C SER A 308 -9.98 27.19 -2.74
N ALA A 309 -8.73 26.99 -3.10
CA ALA A 309 -8.22 27.27 -4.43
C ALA A 309 -7.48 26.04 -4.93
N MET A 310 -7.71 25.70 -6.20
CA MET A 310 -7.05 24.56 -6.88
C MET A 310 -6.61 25.12 -8.23
N ASN A 311 -5.41 25.72 -8.26
CA ASN A 311 -5.01 26.58 -9.38
C ASN A 311 -3.65 26.21 -9.92
N ASN A 312 -3.45 26.41 -11.22
CA ASN A 312 -2.11 26.41 -11.81
C ASN A 312 -1.40 25.08 -11.62
N ASN A 313 -2.17 24.00 -11.56
CA ASN A 313 -1.62 22.66 -11.54
C ASN A 313 -1.52 22.12 -12.96
N ILE A 314 -0.56 21.23 -13.18
CA ILE A 314 -0.40 20.55 -14.46
C ILE A 314 -0.77 19.09 -14.23
N VAL A 315 -1.72 18.59 -15.02
CA VAL A 315 -2.23 17.22 -14.89
C VAL A 315 -2.05 16.53 -16.24
N ILE A 316 -1.06 15.66 -16.35
CA ILE A 316 -0.71 15.04 -17.63
C ILE A 316 -0.99 13.54 -17.60
N ASP A 317 -1.61 13.04 -18.66
CA ASP A 317 -1.81 11.60 -18.86
C ASP A 317 -2.44 10.94 -17.64
N SER A 318 -3.39 11.64 -17.02
CA SER A 318 -4.07 11.16 -15.82
C SER A 318 -5.55 11.04 -16.11
N ASP A 319 -6.27 10.34 -15.23
CA ASP A 319 -7.59 9.85 -15.60
C ASP A 319 -8.76 10.50 -14.87
N HIS A 320 -8.61 11.01 -13.65
CA HIS A 320 -9.81 11.37 -12.91
C HIS A 320 -9.67 12.65 -12.10
N ILE A 321 -10.52 13.63 -12.42
CA ILE A 321 -10.73 14.84 -11.64
C ILE A 321 -12.15 14.75 -11.07
N GLU A 322 -12.25 14.59 -9.75
CA GLU A 322 -13.50 14.22 -9.08
C GLU A 322 -13.99 15.38 -8.20
N LEU A 323 -15.09 16.00 -8.62
CA LEU A 323 -15.61 17.18 -7.95
C LEU A 323 -16.91 16.82 -7.26
N GLY A 324 -16.97 17.08 -5.95
CA GLY A 324 -18.09 16.65 -5.14
C GLY A 324 -18.00 15.21 -4.68
N ALA A 325 -16.84 14.57 -4.81
CA ALA A 325 -16.70 13.18 -4.41
C ALA A 325 -17.21 12.97 -2.99
N GLY A 326 -17.92 11.85 -2.79
CA GLY A 326 -18.52 11.53 -1.52
C GLY A 326 -19.94 12.01 -1.35
N ALA A 327 -20.47 12.75 -2.32
CA ALA A 327 -21.81 13.34 -2.20
C ALA A 327 -22.84 12.28 -1.86
N ASP A 328 -23.59 12.51 -0.78
CA ASP A 328 -24.69 11.65 -0.38
C ASP A 328 -25.55 12.41 0.62
N ALA A 329 -26.46 11.68 1.27
CA ALA A 329 -27.36 12.32 2.22
C ALA A 329 -26.61 12.95 3.38
N GLU A 330 -25.53 12.30 3.85
CA GLU A 330 -24.71 12.88 4.90
C GLU A 330 -23.83 14.00 4.35
N ARG A 331 -22.97 13.68 3.39
CA ARG A 331 -22.09 14.67 2.76
C ARG A 331 -22.87 15.43 1.69
N SER A 332 -23.83 16.23 2.16
CA SER A 332 -24.74 16.93 1.28
C SER A 332 -24.26 18.33 0.89
N ALA A 333 -23.20 18.84 1.50
CA ALA A 333 -22.73 20.20 1.21
C ALA A 333 -21.66 20.17 0.13
N ALA A 334 -21.96 20.78 -1.02
CA ALA A 334 -21.04 20.93 -2.12
C ALA A 334 -20.02 22.03 -1.84
N PRO A 335 -18.86 22.01 -2.51
CA PRO A 335 -17.87 23.08 -2.32
C PRO A 335 -18.50 24.43 -2.58
N SER A 336 -17.98 25.45 -1.88
CA SER A 336 -18.45 26.83 -2.06
C SER A 336 -17.33 27.83 -1.80
N THR A 337 -17.55 29.06 -2.24
CA THR A 337 -16.58 30.16 -2.34
C THR A 337 -15.16 29.66 -2.65
N SER A 338 -15.04 28.74 -3.60
CA SER A 338 -13.76 28.18 -4.00
C SER A 338 -13.50 28.47 -5.46
N GLU A 339 -12.30 28.12 -5.93
CA GLU A 339 -11.91 28.43 -7.30
C GLU A 339 -11.01 27.35 -7.86
N PHE A 340 -11.07 27.22 -9.19
CA PHE A 340 -10.37 26.19 -9.97
C PHE A 340 -9.92 26.92 -11.23
N LYS A 341 -8.69 27.42 -11.21
CA LYS A 341 -8.27 28.43 -12.17
C LYS A 341 -6.89 28.10 -12.71
N GLY A 342 -6.68 28.35 -14.01
CA GLY A 342 -5.33 28.28 -14.57
C GLY A 342 -4.71 26.89 -14.61
N ASN A 343 -5.51 25.84 -14.56
CA ASN A 343 -4.97 24.49 -14.59
C ASN A 343 -4.73 24.03 -16.03
N ILE A 344 -3.74 23.16 -16.21
CA ILE A 344 -3.43 22.60 -17.52
C ILE A 344 -3.66 21.08 -17.43
N ILE A 345 -4.66 20.60 -18.15
CA ILE A 345 -5.05 19.19 -18.18
C ILE A 345 -4.79 18.66 -19.59
N LEU A 346 -3.76 17.81 -19.73
CA LEU A 346 -3.43 17.17 -21.01
C LEU A 346 -3.40 15.66 -20.84
N GLY A 347 -4.49 14.99 -21.18
CA GLY A 347 -4.52 13.54 -21.16
C GLY A 347 -5.46 12.90 -22.17
N LYS A 348 -5.05 11.75 -22.70
CA LYS A 348 -5.86 11.04 -23.68
C LYS A 348 -6.32 9.67 -23.22
N SER A 349 -5.88 9.21 -22.05
CA SER A 349 -6.34 7.90 -21.59
C SER A 349 -7.79 7.98 -21.09
N ASN A 350 -8.24 9.14 -20.61
CA ASN A 350 -9.65 9.35 -20.31
C ASN A 350 -10.07 10.68 -20.93
N LEU A 351 -10.88 10.61 -21.99
CA LEU A 351 -11.33 11.82 -22.67
C LEU A 351 -12.51 12.51 -21.99
N GLU A 352 -13.07 11.90 -20.94
CA GLU A 352 -14.02 12.58 -20.06
C GLU A 352 -13.48 12.51 -18.63
N PRO A 353 -12.40 13.23 -18.36
CA PRO A 353 -11.70 13.05 -17.07
C PRO A 353 -12.47 13.58 -15.85
N PHE A 354 -13.42 14.49 -16.04
CA PHE A 354 -14.17 15.06 -14.93
C PHE A 354 -15.37 14.19 -14.57
N THR A 355 -15.60 14.01 -13.28
CA THR A 355 -16.87 13.52 -12.78
C THR A 355 -17.39 14.52 -11.76
N LEU A 356 -18.63 14.94 -11.92
CA LEU A 356 -19.29 15.88 -11.01
C LEU A 356 -20.38 15.13 -10.27
N TYR A 357 -20.26 15.08 -8.95
CA TYR A 357 -21.22 14.36 -8.12
C TYR A 357 -22.28 15.27 -7.51
N ASP A 358 -22.18 16.57 -7.76
CA ASP A 358 -23.09 17.53 -7.16
C ASP A 358 -22.91 18.83 -7.94
N ASP A 359 -23.78 19.78 -7.64
CA ASP A 359 -23.69 21.12 -8.18
C ASP A 359 -22.35 21.76 -7.82
N MET A 360 -21.59 22.18 -8.83
CA MET A 360 -20.31 22.83 -8.62
C MET A 360 -20.37 24.34 -8.84
N SER A 361 -21.54 24.96 -8.60
CA SER A 361 -21.69 26.40 -8.80
C SER A 361 -20.86 27.20 -7.79
N GLY A 362 -20.60 26.62 -6.62
CA GLY A 362 -19.76 27.25 -5.63
C GLY A 362 -18.30 27.33 -6.01
N ILE A 363 -17.93 26.91 -7.20
CA ILE A 363 -16.54 26.93 -7.62
C ILE A 363 -16.44 27.81 -8.84
N ASN A 364 -15.56 28.81 -8.77
CA ASN A 364 -15.32 29.70 -9.90
C ASN A 364 -14.25 29.05 -10.76
N PHE A 365 -14.64 28.67 -11.98
CA PHE A 365 -13.74 28.06 -12.96
C PHE A 365 -13.32 29.12 -13.95
N GLU A 366 -12.00 29.26 -14.15
CA GLU A 366 -11.51 30.35 -14.96
C GLU A 366 -10.13 29.98 -15.51
N GLY A 367 -9.89 30.29 -16.79
CA GLY A 367 -8.55 30.21 -17.34
C GLY A 367 -7.93 28.83 -17.44
N ASN A 368 -8.73 27.77 -17.46
CA ASN A 368 -8.15 26.43 -17.53
C ASN A 368 -7.95 26.01 -18.98
N TYR A 369 -7.12 25.00 -19.15
CA TYR A 369 -6.82 24.42 -20.46
C TYR A 369 -7.06 22.92 -20.42
N LEU A 370 -7.73 22.40 -21.44
CA LEU A 370 -8.03 20.98 -21.56
C LEU A 370 -7.77 20.58 -23.01
N ASN A 371 -7.07 19.45 -23.20
CA ASN A 371 -6.72 19.02 -24.56
C ASN A 371 -7.94 18.84 -25.44
N ASP A 372 -7.77 19.15 -26.74
CA ASP A 372 -8.83 19.07 -27.75
C ASP A 372 -9.67 17.80 -27.65
N GLU A 373 -9.03 16.65 -27.47
CA GLU A 373 -9.75 15.38 -27.52
C GLU A 373 -10.65 15.16 -26.32
N ALA A 374 -10.40 15.86 -25.22
CA ALA A 374 -11.16 15.70 -23.98
C ALA A 374 -12.21 16.79 -23.84
N SER A 375 -13.22 16.50 -23.02
CA SER A 375 -14.27 17.47 -22.76
C SER A 375 -14.49 17.60 -21.25
N THR A 376 -15.06 18.74 -20.89
CA THR A 376 -15.55 18.89 -19.54
C THR A 376 -17.03 19.20 -19.57
N PRO A 377 -17.79 18.77 -18.57
CA PRO A 377 -19.18 19.21 -18.45
C PRO A 377 -19.34 20.59 -17.82
N ILE A 378 -18.28 21.26 -17.42
CA ILE A 378 -18.41 22.59 -16.85
C ILE A 378 -18.49 23.61 -17.99
N LYS A 379 -19.57 24.40 -17.99
CA LYS A 379 -19.88 25.26 -19.13
C LYS A 379 -18.84 26.35 -19.36
N THR A 380 -18.23 26.86 -18.29
CA THR A 380 -17.32 28.01 -18.38
C THR A 380 -15.96 27.68 -17.79
N GLY A 381 -14.97 28.52 -18.13
CA GLY A 381 -13.68 28.48 -17.48
C GLY A 381 -12.65 27.58 -18.11
N PHE A 382 -13.00 26.87 -19.18
CA PHE A 382 -12.10 25.95 -19.86
C PHE A 382 -11.94 26.35 -21.33
N ALA A 383 -10.70 26.31 -21.80
CA ALA A 383 -10.38 26.50 -23.21
C ALA A 383 -9.71 25.24 -23.76
N SER A 384 -10.14 24.82 -24.95
CA SER A 384 -9.53 23.68 -25.60
C SER A 384 -8.18 24.07 -26.17
N THR A 385 -7.22 23.17 -26.07
CA THR A 385 -5.86 23.41 -26.54
C THR A 385 -5.33 22.09 -27.07
N PRO A 386 -4.46 22.10 -28.08
CA PRO A 386 -4.02 20.83 -28.65
C PRO A 386 -3.19 20.03 -27.66
N TYR A 387 -3.25 18.71 -27.80
CA TYR A 387 -2.43 17.83 -26.98
C TYR A 387 -0.99 17.89 -27.44
N SER A 388 -0.20 18.76 -26.81
CA SER A 388 1.21 18.93 -27.09
C SER A 388 1.98 18.69 -25.78
N VAL A 389 2.63 17.53 -25.68
CA VAL A 389 3.35 17.08 -24.50
C VAL A 389 4.69 16.54 -24.97
N THR A 390 5.77 17.20 -24.56
CA THR A 390 7.10 16.80 -25.00
C THR A 390 8.01 16.65 -23.79
N THR A 391 8.74 15.54 -23.74
CA THR A 391 9.73 15.35 -22.68
C THR A 391 10.77 16.46 -22.74
N ASN A 392 11.02 17.09 -21.58
CA ASN A 392 11.88 18.26 -21.59
C ASN A 392 13.30 17.94 -21.13
N GLN A 393 13.98 18.98 -20.63
CA GLN A 393 15.40 18.91 -20.37
C GLN A 393 15.67 17.98 -19.20
N TYR A 394 14.85 18.09 -18.15
CA TYR A 394 14.94 17.28 -16.95
C TYR A 394 14.16 15.98 -17.07
N GLY A 395 13.86 15.54 -18.30
CA GLY A 395 13.21 14.25 -18.51
C GLY A 395 11.75 14.18 -18.11
N LEU A 396 11.02 15.30 -18.18
CA LEU A 396 9.65 15.34 -17.71
C LEU A 396 8.73 15.75 -18.85
N LYS A 397 7.61 15.03 -18.98
CA LYS A 397 6.54 15.39 -19.89
C LYS A 397 6.00 16.77 -19.53
N SER A 398 6.17 17.75 -20.42
CA SER A 398 5.80 19.12 -20.09
C SER A 398 4.82 19.69 -21.10
N PRO A 399 3.93 20.58 -20.67
CA PRO A 399 3.16 21.38 -21.64
C PRO A 399 4.06 22.30 -22.43
N ASP A 400 3.47 22.94 -23.43
CA ASP A 400 4.21 23.92 -24.23
C ASP A 400 4.64 25.10 -23.38
N LYS A 401 5.81 25.66 -23.71
CA LYS A 401 6.35 26.81 -23.00
C LYS A 401 5.34 27.95 -22.90
N ALA A 402 4.55 28.17 -23.96
CA ALA A 402 3.61 29.27 -23.96
C ALA A 402 2.50 29.07 -22.93
N LEU A 403 2.05 27.84 -22.68
CA LEU A 403 1.05 27.65 -21.64
C LEU A 403 1.67 27.75 -20.26
N LEU A 404 2.88 27.22 -20.09
CA LEU A 404 3.59 27.39 -18.81
C LEU A 404 3.70 28.86 -18.45
N ASP A 405 4.17 29.67 -19.42
CA ASP A 405 4.32 31.09 -19.16
C ASP A 405 2.99 31.75 -18.87
N GLU A 406 1.94 31.34 -19.60
CA GLU A 406 0.62 31.94 -19.41
C GLU A 406 0.12 31.79 -17.98
N ILE A 407 0.43 30.68 -17.30
CA ILE A 407 0.05 30.52 -15.92
C ILE A 407 1.20 30.74 -14.95
N GLY A 408 2.37 31.10 -15.45
CA GLY A 408 3.50 31.40 -14.59
C GLY A 408 3.96 30.22 -13.75
N PHE A 409 4.08 29.05 -14.38
CA PHE A 409 4.50 27.84 -13.69
C PHE A 409 6.01 27.71 -13.58
N GLY A 410 6.76 28.21 -14.58
CA GLY A 410 8.19 27.99 -14.64
C GLY A 410 8.49 26.68 -15.34
N GLU A 411 9.74 26.22 -15.20
CA GLU A 411 10.11 24.94 -15.77
C GLU A 411 9.37 23.80 -15.07
N VAL A 412 9.13 22.73 -15.81
CA VAL A 412 8.68 21.47 -15.23
C VAL A 412 9.95 20.74 -14.81
N LYS A 413 10.22 20.72 -13.50
CA LYS A 413 11.48 20.21 -12.97
C LYS A 413 11.25 19.73 -11.54
N LEU A 414 11.89 18.61 -11.18
CA LEU A 414 11.68 18.04 -9.86
C LEU A 414 12.24 18.98 -8.79
N PRO A 415 11.50 19.24 -7.71
CA PRO A 415 12.05 20.06 -6.63
C PRO A 415 13.13 19.37 -5.84
N VAL A 416 13.19 18.04 -5.89
CA VAL A 416 14.23 17.27 -5.23
C VAL A 416 14.35 15.97 -5.98
N THR A 417 15.52 15.34 -5.91
CA THR A 417 15.76 14.06 -6.57
C THR A 417 16.05 12.97 -5.54
N LYS A 418 15.89 11.72 -5.97
CA LYS A 418 16.16 10.58 -5.10
C LYS A 418 17.54 10.67 -4.47
N GLU A 419 18.50 11.21 -5.20
CA GLU A 419 19.89 11.22 -4.76
C GLU A 419 20.16 12.27 -3.68
N GLU A 420 19.27 13.26 -3.52
CA GLU A 420 19.49 14.32 -2.55
C GLU A 420 18.82 14.08 -1.20
N VAL A 421 18.14 12.96 -1.01
CA VAL A 421 17.37 12.73 0.22
C VAL A 421 17.93 11.50 0.93
N GLY A 422 17.52 11.35 2.20
CA GLY A 422 17.93 10.21 2.98
C GLY A 422 19.33 10.35 3.56
N ALA A 423 19.70 9.35 4.36
CA ALA A 423 21.04 9.29 4.93
C ALA A 423 22.08 9.17 3.82
N ASP A 424 23.21 9.86 4.00
CA ASP A 424 24.22 9.86 2.95
C ASP A 424 25.05 8.57 2.90
N PHE A 425 24.95 7.67 3.89
CA PHE A 425 25.74 6.46 3.92
C PHE A 425 24.97 5.18 3.58
N TYR A 426 23.66 5.25 3.35
CA TYR A 426 22.84 4.04 3.23
C TYR A 426 22.35 3.86 1.81
N PRO A 427 22.61 2.73 1.16
CA PRO A 427 22.15 2.53 -0.21
C PRO A 427 20.63 2.46 -0.29
N LYS A 428 20.11 2.79 -1.48
CA LYS A 428 18.70 2.64 -1.77
C LYS A 428 18.57 1.46 -2.73
N ASN A 429 18.60 0.25 -2.17
CA ASN A 429 18.59 -1.01 -2.92
C ASN A 429 17.19 -1.61 -2.95
N GLU A 430 16.77 -2.06 -4.12
CA GLU A 430 15.56 -2.86 -4.22
C GLU A 430 15.65 -4.06 -3.28
N ALA A 431 14.52 -4.37 -2.63
CA ALA A 431 14.46 -5.47 -1.69
C ALA A 431 13.72 -6.70 -2.23
N LEU A 432 13.23 -6.66 -3.47
CA LEU A 432 12.36 -7.71 -4.00
C LEU A 432 13.02 -8.40 -5.19
N VAL A 433 13.14 -9.72 -5.09
CA VAL A 433 13.72 -10.54 -6.17
C VAL A 433 12.60 -10.98 -7.10
N ALA A 434 12.79 -10.76 -8.40
CA ALA A 434 11.78 -11.12 -9.37
C ALA A 434 11.82 -12.62 -9.67
N PHE A 435 10.65 -13.18 -9.92
CA PHE A 435 10.55 -14.53 -10.43
C PHE A 435 11.49 -14.73 -11.63
N GLN A 436 12.16 -15.89 -11.61
CA GLN A 436 12.99 -16.45 -12.67
C GLN A 436 14.23 -15.61 -12.97
N SER A 437 14.68 -14.82 -12.01
CA SER A 437 15.88 -14.03 -12.16
C SER A 437 17.13 -14.77 -11.71
N GLY A 438 17.01 -16.06 -11.34
CA GLY A 438 18.15 -16.81 -10.86
C GLY A 438 18.50 -17.99 -11.73
N LYS A 439 19.00 -19.08 -11.11
CA LYS A 439 19.49 -20.25 -11.82
C LYS A 439 18.38 -21.25 -12.05
N THR A 440 18.44 -21.93 -13.20
CA THR A 440 17.59 -23.08 -13.47
C THR A 440 18.23 -24.33 -12.86
N ILE A 441 17.48 -25.04 -12.04
CA ILE A 441 17.99 -26.18 -11.29
C ILE A 441 17.17 -27.41 -11.67
N HIS A 442 17.86 -28.52 -11.93
CA HIS A 442 17.20 -29.77 -12.26
C HIS A 442 16.74 -30.49 -11.00
N VAL A 443 15.53 -31.06 -11.04
CA VAL A 443 15.03 -31.88 -9.93
C VAL A 443 14.76 -33.29 -10.43
N LYS A 444 15.56 -34.25 -10.00
CA LYS A 444 15.35 -35.63 -10.44
C LYS A 444 14.14 -36.23 -9.73
N ALA A 445 13.55 -37.25 -10.37
CA ALA A 445 12.35 -37.86 -9.85
C ALA A 445 12.67 -38.64 -8.57
N GLY A 446 11.64 -38.86 -7.76
CA GLY A 446 11.82 -39.64 -6.54
C GLY A 446 11.16 -39.01 -5.34
N THR A 447 11.66 -39.38 -4.18
CA THR A 447 11.06 -39.06 -2.88
C THR A 447 11.87 -37.95 -2.21
N ASP A 448 11.21 -36.83 -1.92
CA ASP A 448 11.82 -35.66 -1.28
C ASP A 448 12.99 -35.10 -2.09
N THR A 449 12.95 -35.28 -3.39
CA THR A 449 13.93 -34.61 -4.24
C THR A 449 13.55 -33.15 -4.45
N LEU A 450 12.26 -32.87 -4.60
CA LEU A 450 11.81 -31.48 -4.63
C LEU A 450 12.08 -30.79 -3.30
N THR A 451 11.82 -31.47 -2.19
CA THR A 451 12.11 -30.90 -0.87
C THR A 451 13.55 -30.43 -0.78
N SER A 452 14.49 -31.31 -1.12
CA SER A 452 15.91 -30.98 -1.05
C SER A 452 16.25 -29.86 -2.02
N ALA A 453 15.75 -29.93 -3.26
CA ALA A 453 16.07 -28.92 -4.25
C ALA A 453 15.64 -27.53 -3.79
N LEU A 454 14.45 -27.43 -3.17
CA LEU A 454 14.01 -26.14 -2.64
C LEU A 454 14.90 -25.68 -1.50
N ALA A 455 15.32 -26.60 -0.63
CA ALA A 455 16.02 -26.22 0.58
C ALA A 455 17.32 -25.48 0.27
N THR A 456 17.92 -25.75 -0.89
CA THR A 456 19.16 -25.12 -1.29
C THR A 456 19.00 -24.17 -2.48
N SER A 457 17.77 -23.94 -2.93
CA SER A 457 17.56 -22.94 -3.97
C SER A 457 17.70 -21.54 -3.39
N GLN A 458 17.71 -20.54 -4.27
CA GLN A 458 17.78 -19.16 -3.85
C GLN A 458 16.71 -18.35 -4.57
N GLY A 459 16.47 -17.13 -4.08
CA GLY A 459 15.44 -16.29 -4.64
C GLY A 459 15.62 -16.06 -6.13
N GLY A 460 14.55 -16.25 -6.90
CA GLY A 460 14.61 -16.14 -8.33
C GLY A 460 14.86 -17.45 -9.06
N ASP A 461 15.33 -18.49 -8.36
CA ASP A 461 15.64 -19.76 -9.01
C ASP A 461 14.40 -20.43 -9.60
N VAL A 462 14.64 -21.39 -10.49
CA VAL A 462 13.60 -22.12 -11.20
C VAL A 462 13.94 -23.60 -11.11
N LEU A 463 13.11 -24.36 -10.40
CA LEU A 463 13.28 -25.81 -10.30
C LEU A 463 12.53 -26.47 -11.44
N VAL A 464 13.25 -27.23 -12.27
CA VAL A 464 12.68 -27.83 -13.47
C VAL A 464 12.62 -29.34 -13.29
N LEU A 465 11.41 -29.88 -13.29
CA LEU A 465 11.15 -31.28 -13.01
C LEU A 465 11.08 -32.08 -14.31
N GLU A 466 11.34 -33.37 -14.20
CA GLU A 466 11.33 -34.23 -15.39
C GLU A 466 9.91 -34.48 -15.86
N ASN A 467 9.67 -34.30 -17.16
CA ASN A 467 8.34 -34.50 -17.70
C ASN A 467 7.85 -35.92 -17.45
N GLY A 468 6.58 -36.03 -17.08
CA GLY A 468 5.96 -37.32 -16.89
C GLY A 468 6.40 -38.12 -15.69
N ALA A 469 7.38 -37.65 -14.93
CA ALA A 469 7.94 -38.44 -13.85
C ALA A 469 7.13 -38.29 -12.57
N ASP A 470 7.39 -39.18 -11.61
CA ASP A 470 6.68 -39.21 -10.33
C ASP A 470 7.53 -38.54 -9.26
N TYR A 471 6.88 -37.68 -8.47
CA TYR A 471 7.52 -36.98 -7.36
C TYR A 471 6.71 -37.23 -6.11
N LEU A 472 7.38 -37.59 -5.02
CA LEU A 472 6.74 -37.82 -3.75
C LEU A 472 7.37 -36.94 -2.68
N LEU A 473 6.54 -36.37 -1.82
CA LEU A 473 7.03 -35.58 -0.69
C LEU A 473 6.60 -36.26 0.59
N THR A 474 7.52 -36.38 1.55
CA THR A 474 7.17 -36.85 2.89
C THR A 474 7.46 -35.82 3.95
N LYS A 475 7.94 -34.65 3.55
CA LYS A 475 8.19 -33.50 4.42
C LYS A 475 7.58 -32.26 3.76
N PHE A 476 7.45 -31.18 4.53
CA PHE A 476 7.00 -29.91 3.95
C PHE A 476 8.03 -29.41 2.95
N ALA A 477 7.56 -29.03 1.77
CA ALA A 477 8.37 -28.29 0.80
C ALA A 477 8.19 -26.79 1.07
N GLU A 478 9.19 -26.17 1.70
CA GLU A 478 9.09 -24.80 2.21
C GLU A 478 9.73 -23.82 1.23
N VAL A 479 9.01 -22.75 0.97
CA VAL A 479 9.41 -21.70 0.03
C VAL A 479 9.73 -20.46 0.84
N HIS A 480 11.03 -20.15 0.96
CA HIS A 480 11.51 -19.02 1.77
C HIS A 480 11.85 -17.79 0.94
N HIS A 481 11.63 -17.83 -0.36
CA HIS A 481 12.02 -16.75 -1.27
C HIS A 481 11.28 -16.99 -2.57
N PRO A 482 11.18 -15.97 -3.43
CA PRO A 482 10.55 -16.20 -4.74
C PRO A 482 11.20 -17.38 -5.43
N VAL A 483 10.35 -18.29 -5.94
CA VAL A 483 10.86 -19.51 -6.57
C VAL A 483 9.84 -19.96 -7.59
N THR A 484 10.31 -20.62 -8.64
CA THR A 484 9.47 -21.21 -9.66
C THR A 484 9.69 -22.71 -9.64
N ILE A 485 8.59 -23.47 -9.69
CA ILE A 485 8.64 -24.92 -9.79
C ILE A 485 7.82 -25.30 -11.01
N MET A 486 8.42 -26.05 -11.93
CA MET A 486 7.81 -26.20 -13.24
C MET A 486 8.42 -27.39 -13.97
N ALA A 487 7.74 -27.78 -15.05
CA ALA A 487 8.29 -28.64 -16.07
C ALA A 487 8.21 -27.90 -17.40
N LYS A 488 9.24 -28.05 -18.21
CA LYS A 488 9.17 -27.53 -19.58
C LYS A 488 8.01 -28.22 -20.32
N ALA A 489 7.74 -27.73 -21.53
CA ALA A 489 6.57 -28.20 -22.27
C ALA A 489 6.62 -29.71 -22.47
N GLY A 490 5.46 -30.35 -22.35
CA GLY A 490 5.35 -31.79 -22.42
C GLY A 490 4.52 -32.34 -21.28
N LYS A 491 4.62 -33.65 -21.09
CA LYS A 491 3.83 -34.36 -20.08
C LYS A 491 4.10 -33.80 -18.69
N LYS A 492 3.02 -33.51 -17.97
CA LYS A 492 3.16 -33.00 -16.61
C LYS A 492 3.80 -34.07 -15.71
N PRO A 493 4.79 -33.73 -14.92
CA PRO A 493 5.15 -34.63 -13.81
C PRO A 493 4.01 -34.64 -12.80
N VAL A 494 3.94 -35.70 -12.00
CA VAL A 494 2.90 -35.81 -10.99
C VAL A 494 3.56 -35.72 -9.62
N ILE A 495 2.97 -34.90 -8.75
CA ILE A 495 3.50 -34.62 -7.43
C ILE A 495 2.46 -35.07 -6.41
N ARG A 496 2.93 -35.78 -5.39
CA ARG A 496 2.10 -36.27 -4.30
C ARG A 496 2.86 -36.04 -3.00
N SER A 497 2.11 -35.97 -1.90
CA SER A 497 2.72 -35.76 -0.60
C SER A 497 2.00 -36.58 0.46
N GLN A 498 2.76 -37.03 1.44
CA GLN A 498 2.18 -37.66 2.63
C GLN A 498 2.03 -36.67 3.78
N LYS A 499 2.31 -35.40 3.52
CA LYS A 499 2.09 -34.36 4.51
C LYS A 499 0.77 -33.66 4.25
N PRO A 500 0.23 -32.94 5.25
CA PRO A 500 -1.05 -32.23 5.05
C PRO A 500 -0.98 -31.09 4.06
N ASN A 501 0.20 -30.52 3.82
CA ASN A 501 0.38 -29.47 2.84
C ASN A 501 1.50 -29.92 1.92
N PHE A 502 1.32 -29.77 0.61
CA PHE A 502 2.40 -30.10 -0.32
C PHE A 502 3.52 -29.08 -0.19
N ILE A 503 3.19 -27.80 -0.40
CA ILE A 503 4.16 -26.72 -0.45
C ILE A 503 3.67 -25.58 0.42
N ASN A 504 4.53 -25.04 1.26
CA ASN A 504 4.21 -23.89 2.10
C ASN A 504 5.07 -22.71 1.70
N ILE A 505 4.41 -21.59 1.42
CA ILE A 505 5.07 -20.29 1.25
C ILE A 505 5.34 -19.69 2.62
N GLU A 506 6.62 -19.58 2.97
CA GLU A 506 7.04 -19.00 4.23
C GLU A 506 7.23 -17.49 4.08
N ASN A 507 7.47 -16.81 5.19
CA ASN A 507 7.56 -15.35 5.12
C ASN A 507 8.77 -14.95 4.28
N GLY A 508 8.54 -14.11 3.30
CA GLY A 508 9.54 -13.77 2.32
C GLY A 508 9.42 -14.56 1.04
N GLY A 509 8.55 -15.58 1.02
CA GLY A 509 8.42 -16.44 -0.14
C GLY A 509 7.36 -15.93 -1.10
N ALA A 510 7.45 -16.44 -2.32
CA ALA A 510 6.47 -16.26 -3.39
C ALA A 510 6.65 -17.42 -4.36
N LEU A 511 5.57 -17.82 -5.03
CA LEU A 511 5.62 -19.09 -5.74
C LEU A 511 4.97 -19.00 -7.11
N GLU A 512 5.69 -19.47 -8.12
CA GLU A 512 5.14 -19.78 -9.43
C GLU A 512 5.16 -21.29 -9.62
N VAL A 513 4.05 -21.85 -10.10
CA VAL A 513 4.01 -23.25 -10.52
C VAL A 513 3.43 -23.32 -11.92
N GLU A 514 4.03 -24.15 -12.78
CA GLU A 514 3.62 -24.20 -14.19
C GLU A 514 3.82 -25.60 -14.73
N ASN A 515 2.79 -26.12 -15.41
CA ASN A 515 2.83 -27.41 -16.09
C ASN A 515 3.14 -28.54 -15.11
N LEU A 516 2.42 -28.54 -13.99
CA LEU A 516 2.55 -29.60 -13.00
C LEU A 516 1.20 -30.27 -12.79
N TRP A 517 1.26 -31.52 -12.32
CA TRP A 517 0.09 -32.30 -11.96
C TRP A 517 0.21 -32.61 -10.46
N PHE A 518 -0.74 -32.11 -9.68
CA PHE A 518 -0.82 -32.44 -8.25
C PHE A 518 -1.95 -33.43 -8.05
N ASP A 519 -1.66 -34.52 -7.33
CA ASP A 519 -2.67 -35.54 -7.12
C ASP A 519 -2.65 -35.97 -5.66
N GLY A 520 -3.82 -36.31 -5.14
CA GLY A 520 -3.96 -36.55 -3.72
C GLY A 520 -3.84 -37.98 -3.23
N ALA A 521 -3.40 -38.94 -4.07
CA ALA A 521 -3.50 -40.35 -3.68
C ALA A 521 -2.69 -40.68 -2.43
N GLU A 522 -1.59 -39.96 -2.17
CA GLU A 522 -0.78 -40.24 -0.98
C GLU A 522 -1.12 -39.37 0.22
N SER A 523 -2.06 -38.44 0.07
CA SER A 523 -2.29 -37.44 1.12
C SER A 523 -2.83 -38.10 2.39
N PRO A 524 -2.53 -37.54 3.56
CA PRO A 524 -2.94 -38.17 4.82
C PRO A 524 -4.41 -37.92 5.13
N ASP A 525 -4.94 -38.77 5.99
CA ASP A 525 -6.38 -38.82 6.24
C ASP A 525 -6.75 -37.80 7.34
N TYR A 526 -6.63 -36.52 6.96
CA TYR A 526 -6.98 -35.39 7.84
C TYR A 526 -7.85 -34.39 7.09
N LYS A 527 -8.70 -33.71 7.83
CA LYS A 527 -9.43 -32.59 7.26
C LYS A 527 -8.54 -31.37 7.18
N GLY A 528 -8.83 -30.49 6.22
CA GLY A 528 -8.11 -29.24 6.11
C GLY A 528 -6.78 -29.33 5.41
N ASN A 529 -6.48 -30.44 4.73
CA ASN A 529 -5.29 -30.54 3.88
C ASN A 529 -5.33 -29.48 2.79
N THR A 530 -4.15 -29.17 2.22
CA THR A 530 -4.11 -28.30 1.05
C THR A 530 -2.89 -28.67 0.20
N ILE A 531 -2.95 -28.31 -1.08
CA ILE A 531 -1.77 -28.46 -1.94
C ILE A 531 -0.74 -27.38 -1.60
N ILE A 532 -1.12 -26.12 -1.80
CA ILE A 532 -0.25 -24.98 -1.49
C ILE A 532 -0.82 -24.26 -0.28
N GLY A 533 0.04 -23.96 0.69
CA GLY A 533 -0.35 -23.14 1.82
C GLY A 533 0.66 -22.02 2.06
N THR A 534 0.25 -21.07 2.90
CA THR A 534 1.17 -20.06 3.41
C THR A 534 1.90 -20.66 4.61
N SER A 535 2.49 -19.84 5.45
CA SER A 535 3.40 -20.38 6.47
C SER A 535 2.69 -20.94 7.70
N GLY A 536 1.46 -20.50 7.98
CA GLY A 536 0.81 -20.85 9.23
C GLY A 536 0.94 -19.80 10.32
N TYR A 537 1.77 -18.78 10.13
CA TYR A 537 1.87 -17.65 11.04
C TYR A 537 1.59 -16.37 10.27
N SER A 538 1.47 -15.28 11.02
CA SER A 538 1.47 -13.96 10.42
C SER A 538 2.70 -13.81 9.52
N MET A 539 2.48 -13.31 8.31
CA MET A 539 3.57 -13.10 7.36
C MET A 539 3.63 -11.60 7.07
N ASN A 540 4.63 -10.91 7.62
CA ASN A 540 4.63 -9.47 7.39
C ASN A 540 5.28 -9.09 6.06
N ILE A 541 5.59 -10.05 5.19
CA ILE A 541 6.01 -9.74 3.82
C ILE A 541 4.93 -10.25 2.88
N ASN A 542 4.33 -9.35 2.11
CA ASN A 542 3.31 -9.77 1.16
C ASN A 542 3.88 -10.85 0.25
N TYR A 543 3.06 -11.86 -0.06
CA TYR A 543 3.50 -12.92 -0.96
C TYR A 543 2.82 -12.74 -2.30
N ASN A 544 3.18 -13.60 -3.25
CA ASN A 544 2.53 -13.70 -4.55
C ASN A 544 2.44 -15.16 -4.93
N LEU A 545 1.39 -15.50 -5.68
CA LEU A 545 1.14 -16.87 -6.10
C LEU A 545 0.72 -16.86 -7.56
N SER A 546 1.44 -17.60 -8.40
CA SER A 546 1.11 -17.72 -9.81
C SER A 546 1.01 -19.20 -10.16
N VAL A 547 -0.14 -19.60 -10.71
CA VAL A 547 -0.44 -20.99 -11.06
C VAL A 547 -0.88 -21.01 -12.53
N ARG A 548 -0.08 -21.64 -13.38
CA ARG A 548 -0.33 -21.66 -14.82
C ARG A 548 -0.23 -23.08 -15.34
N ASN A 549 -1.23 -23.49 -16.13
CA ASN A 549 -1.22 -24.79 -16.80
C ASN A 549 -0.95 -25.92 -15.80
N VAL A 550 -1.82 -26.02 -14.82
CA VAL A 550 -1.67 -26.98 -13.74
C VAL A 550 -2.89 -27.87 -13.73
N LYS A 551 -2.68 -29.13 -13.34
CA LYS A 551 -3.74 -30.10 -13.21
C LYS A 551 -3.77 -30.58 -11.77
N VAL A 552 -4.96 -30.67 -11.21
CA VAL A 552 -5.13 -31.02 -9.80
C VAL A 552 -6.28 -32.02 -9.70
N THR A 553 -6.00 -33.20 -9.14
CA THR A 553 -6.97 -34.28 -9.15
C THR A 553 -7.06 -34.95 -7.78
N ASP A 554 -8.28 -35.37 -7.42
CA ASP A 554 -8.50 -36.37 -6.36
C ASP A 554 -8.02 -35.86 -5.01
N LEU A 555 -8.49 -34.68 -4.64
CA LEU A 555 -8.26 -34.12 -3.31
C LEU A 555 -9.45 -34.49 -2.43
N ASP A 556 -9.55 -35.79 -2.11
CA ASP A 556 -10.77 -36.31 -1.51
C ASP A 556 -10.54 -37.35 -0.41
N VAL A 557 -9.31 -37.53 0.06
CA VAL A 557 -9.08 -38.50 1.14
C VAL A 557 -9.91 -38.16 2.36
N ASN A 558 -10.20 -36.87 2.60
CA ASN A 558 -11.06 -36.41 3.69
C ASN A 558 -11.65 -35.07 3.30
N GLY A 559 -12.57 -34.57 4.12
CA GLY A 559 -13.21 -33.31 3.82
C GLY A 559 -12.28 -32.11 3.93
N TYR A 560 -12.70 -31.02 3.36
CA TYR A 560 -12.01 -29.78 3.36
C TYR A 560 -10.55 -29.81 2.89
N PHE A 561 -10.35 -30.40 1.74
CA PHE A 561 -9.05 -30.48 1.14
C PHE A 561 -9.04 -29.40 0.10
N TYR A 562 -8.30 -28.36 0.35
CA TYR A 562 -8.19 -27.23 -0.55
C TYR A 562 -7.05 -27.30 -1.52
N PHE A 563 -7.13 -26.59 -2.62
CA PHE A 563 -5.94 -26.43 -3.46
C PHE A 563 -4.95 -25.40 -2.88
N PHE A 564 -5.42 -24.20 -2.57
CA PHE A 564 -4.57 -23.16 -1.96
C PHE A 564 -5.27 -22.59 -0.74
N LYS A 565 -4.53 -22.49 0.37
CA LYS A 565 -5.10 -22.02 1.63
C LYS A 565 -4.15 -21.02 2.27
N ALA A 566 -4.55 -19.75 2.30
CA ALA A 566 -3.81 -18.67 2.95
C ALA A 566 -4.32 -18.51 4.37
N ASN A 567 -3.43 -18.62 5.37
CA ASN A 567 -3.93 -18.51 6.73
C ASN A 567 -4.15 -17.03 7.11
N ALA A 568 -4.90 -16.83 8.21
CA ALA A 568 -5.18 -15.50 8.71
C ALA A 568 -3.88 -14.76 9.01
N GLY A 569 -3.81 -13.50 8.63
CA GLY A 569 -2.62 -12.71 8.88
C GLY A 569 -1.63 -12.69 7.75
N THR A 570 -2.04 -13.05 6.53
CA THR A 570 -1.19 -13.07 5.36
C THR A 570 -1.84 -12.21 4.28
N PHE A 571 -1.01 -11.75 3.33
CA PHE A 571 -1.56 -10.88 2.31
C PHE A 571 -0.85 -11.14 0.99
N ALA A 572 -1.63 -11.24 -0.08
CA ALA A 572 -1.12 -11.54 -1.41
C ALA A 572 -1.24 -10.29 -2.25
N ASP A 573 -0.10 -9.79 -2.75
CA ASP A 573 -0.18 -8.73 -3.74
C ASP A 573 -0.89 -9.23 -4.99
N SER A 574 -0.59 -10.47 -5.42
CA SER A 574 -1.22 -11.00 -6.61
C SER A 574 -1.38 -12.51 -6.53
N ILE A 575 -2.58 -12.99 -6.83
CA ILE A 575 -2.86 -14.40 -7.01
C ILE A 575 -3.43 -14.58 -8.40
N GLU A 576 -2.79 -15.42 -9.20
CA GLU A 576 -3.22 -15.71 -10.56
C GLU A 576 -3.38 -17.22 -10.71
N ILE A 577 -4.55 -17.64 -11.18
CA ILE A 577 -4.83 -19.04 -11.52
C ILE A 577 -5.22 -19.06 -12.99
N ILE A 578 -4.32 -19.55 -13.84
CA ILE A 578 -4.48 -19.46 -15.29
C ILE A 578 -4.42 -20.86 -15.90
N ASP A 579 -5.35 -21.15 -16.82
CA ASP A 579 -5.26 -22.29 -17.74
C ASP A 579 -5.02 -23.60 -17.01
N SER A 580 -5.80 -23.83 -15.96
CA SER A 580 -5.56 -24.95 -15.08
C SER A 580 -6.84 -25.76 -14.94
N GLU A 581 -6.66 -27.00 -14.46
CA GLU A 581 -7.72 -27.99 -14.45
C GLU A 581 -7.81 -28.62 -13.06
N PHE A 582 -8.98 -28.52 -12.43
CA PHE A 582 -9.20 -29.00 -11.07
C PHE A 582 -10.37 -29.98 -11.04
N SER A 583 -10.17 -31.17 -10.48
CA SER A 583 -11.19 -32.22 -10.51
C SER A 583 -11.25 -33.01 -9.21
N ASN A 584 -12.47 -33.13 -8.65
CA ASN A 584 -12.76 -33.97 -7.49
C ASN A 584 -12.02 -33.46 -6.25
N ILE A 585 -12.54 -32.40 -5.65
CA ILE A 585 -11.92 -31.67 -4.56
C ILE A 585 -12.98 -31.43 -3.50
N THR A 586 -12.69 -31.82 -2.26
CA THR A 586 -13.69 -31.69 -1.21
C THR A 586 -13.70 -30.32 -0.53
N GLY A 587 -12.64 -29.53 -0.68
CA GLY A 587 -12.59 -28.20 -0.11
C GLY A 587 -12.91 -27.14 -1.14
N ALA A 588 -12.45 -25.91 -0.86
CA ALA A 588 -12.49 -24.83 -1.82
C ALA A 588 -11.21 -24.82 -2.65
N ILE A 589 -11.25 -24.15 -3.80
CA ILE A 589 -10.04 -23.98 -4.58
C ILE A 589 -9.10 -23.00 -3.87
N LEU A 590 -9.60 -21.82 -3.57
CA LEU A 590 -8.85 -20.78 -2.87
C LEU A 590 -9.56 -20.47 -1.56
N GLN A 591 -8.86 -20.72 -0.45
CA GLN A 591 -9.34 -20.39 0.88
C GLN A 591 -8.47 -19.25 1.40
N LEU A 592 -9.02 -18.04 1.44
CA LEU A 592 -8.26 -16.84 1.76
C LEU A 592 -8.70 -16.33 3.14
N ASN A 593 -8.12 -16.90 4.19
CA ASN A 593 -8.53 -16.56 5.53
C ASN A 593 -8.00 -15.19 5.95
N ARG A 594 -8.68 -14.59 6.92
CA ARG A 594 -8.40 -13.23 7.39
C ARG A 594 -8.31 -13.21 8.90
N GLU A 595 -7.47 -12.34 9.43
CA GLU A 595 -7.39 -12.12 10.87
C GLU A 595 -8.17 -10.84 11.17
N VAL A 596 -9.36 -10.99 11.75
CA VAL A 596 -10.31 -9.88 11.81
C VAL A 596 -10.04 -9.03 13.07
N ASP A 597 -9.50 -7.84 12.87
CA ASP A 597 -9.45 -6.86 13.95
C ASP A 597 -10.11 -5.58 13.48
N ASP A 598 -9.40 -4.80 12.68
CA ASP A 598 -10.07 -3.92 11.71
C ASP A 598 -10.97 -4.77 10.81
N LEU A 599 -12.29 -4.59 10.88
CA LEU A 599 -13.19 -5.28 9.95
C LEU A 599 -12.90 -5.01 8.48
N GLY A 600 -12.15 -3.97 8.15
CA GLY A 600 -11.76 -3.73 6.78
C GLY A 600 -10.63 -4.60 6.24
N VAL A 601 -10.06 -5.51 7.03
CA VAL A 601 -8.92 -6.30 6.53
C VAL A 601 -9.34 -7.11 5.31
N TYR A 602 -8.41 -7.25 4.37
CA TYR A 602 -8.59 -8.19 3.26
C TYR A 602 -7.24 -8.82 2.95
N SER A 603 -7.27 -9.93 2.22
CA SER A 603 -6.09 -10.77 2.14
C SER A 603 -5.48 -10.90 0.75
N VAL A 604 -6.01 -10.22 -0.26
CA VAL A 604 -5.44 -10.28 -1.61
C VAL A 604 -5.75 -8.97 -2.31
N GLU A 605 -4.75 -8.41 -2.99
CA GLU A 605 -4.99 -7.16 -3.69
C GLU A 605 -5.48 -7.37 -5.12
N ASN A 606 -4.87 -8.34 -5.83
CA ASN A 606 -5.15 -8.63 -7.23
C ASN A 606 -5.40 -10.13 -7.37
N LEU A 607 -6.58 -10.47 -7.88
CA LEU A 607 -6.96 -11.86 -8.07
C LEU A 607 -7.40 -12.05 -9.51
N VAL A 608 -6.73 -12.95 -10.24
CA VAL A 608 -7.06 -13.23 -11.62
C VAL A 608 -7.30 -14.72 -11.77
N ILE A 609 -8.50 -15.08 -12.20
CA ILE A 609 -8.90 -16.48 -12.37
C ILE A 609 -9.32 -16.65 -13.82
N SER A 610 -8.45 -17.21 -14.65
CA SER A 610 -8.74 -17.18 -16.08
C SER A 610 -8.30 -18.46 -16.79
N GLY A 611 -9.18 -18.98 -17.65
CA GLY A 611 -8.83 -20.10 -18.50
C GLY A 611 -8.90 -21.45 -17.84
N ASN A 612 -9.67 -21.59 -16.76
CA ASN A 612 -9.64 -22.79 -15.94
C ASN A 612 -10.91 -23.61 -16.10
N THR A 613 -10.81 -24.89 -15.73
CA THR A 613 -12.00 -25.70 -15.54
C THR A 613 -11.99 -26.21 -14.10
N PHE A 614 -13.15 -26.11 -13.45
CA PHE A 614 -13.37 -26.62 -12.10
C PHE A 614 -14.51 -27.62 -12.15
N THR A 615 -14.22 -28.87 -11.79
CA THR A 615 -15.15 -29.99 -11.96
C THR A 615 -15.24 -30.80 -10.68
N ASN A 616 -16.46 -30.92 -10.12
CA ASN A 616 -16.71 -31.68 -8.90
C ASN A 616 -15.90 -31.10 -7.73
N VAL A 617 -16.16 -29.84 -7.43
CA VAL A 617 -15.61 -29.17 -6.27
C VAL A 617 -16.75 -28.97 -5.28
N LYS A 618 -16.65 -29.55 -4.07
CA LYS A 618 -17.76 -29.43 -3.14
C LYS A 618 -17.94 -28.02 -2.62
N GLU A 619 -16.86 -27.29 -2.34
CA GLU A 619 -17.01 -25.93 -1.86
C GLU A 619 -16.83 -24.97 -3.01
N GLU A 620 -16.68 -23.69 -2.69
CA GLU A 620 -16.61 -22.62 -3.66
C GLU A 620 -15.24 -22.60 -4.36
N VAL A 621 -15.19 -21.91 -5.50
CA VAL A 621 -13.89 -21.60 -6.08
C VAL A 621 -13.15 -20.60 -5.21
N VAL A 622 -13.81 -19.51 -4.81
CA VAL A 622 -13.15 -18.50 -3.99
C VAL A 622 -14.21 -17.62 -3.33
N THR A 623 -13.96 -17.28 -2.06
CA THR A 623 -14.64 -16.20 -1.39
C THR A 623 -13.64 -15.07 -1.19
N VAL A 624 -14.01 -13.88 -1.63
CA VAL A 624 -13.19 -12.68 -1.50
C VAL A 624 -14.00 -11.69 -0.70
N TYR A 625 -13.56 -11.44 0.53
CA TYR A 625 -14.34 -10.70 1.50
C TYR A 625 -13.54 -9.54 2.08
N ARG A 626 -14.09 -8.33 1.99
CA ARG A 626 -13.64 -7.18 2.76
C ARG A 626 -14.84 -6.53 3.44
N GLY A 627 -14.83 -6.51 4.77
CA GLY A 627 -15.89 -5.91 5.55
C GLY A 627 -15.63 -4.44 5.83
N GLY A 628 -16.37 -3.90 6.78
CA GLY A 628 -16.20 -2.52 7.19
C GLY A 628 -16.83 -1.53 6.22
N THR A 629 -16.68 -0.25 6.58
CA THR A 629 -17.33 0.83 5.85
C THR A 629 -16.35 1.72 5.11
N ASP A 630 -15.08 1.34 5.07
CA ASP A 630 -14.11 2.17 4.36
C ASP A 630 -14.37 2.06 2.87
N GLU A 631 -15.04 3.08 2.35
CA GLU A 631 -15.15 3.30 0.91
C GLU A 631 -13.81 3.69 0.32
N SER A 632 -12.95 4.30 1.12
CA SER A 632 -11.78 5.05 0.66
C SER A 632 -10.60 4.15 0.37
N THR A 633 -10.46 3.06 1.11
CA THR A 633 -9.28 2.23 0.93
C THR A 633 -9.37 1.44 -0.36
N PHE A 634 -8.30 0.72 -0.62
CA PHE A 634 -8.35 -0.17 -1.75
C PHE A 634 -9.48 -1.17 -1.50
N GLY A 635 -9.85 -1.88 -2.53
CA GLY A 635 -10.57 -3.10 -2.33
C GLY A 635 -9.72 -4.11 -3.04
N PRO A 636 -9.99 -5.39 -2.87
CA PRO A 636 -9.46 -6.35 -3.83
C PRO A 636 -9.94 -5.96 -5.23
N MET A 637 -9.11 -6.28 -6.21
CA MET A 637 -9.46 -6.16 -7.62
C MET A 637 -9.49 -7.57 -8.22
N VAL A 638 -10.64 -7.98 -8.73
CA VAL A 638 -10.88 -9.36 -9.10
C VAL A 638 -11.27 -9.44 -10.56
N SER A 639 -10.67 -10.38 -11.27
CA SER A 639 -10.97 -10.63 -12.68
C SER A 639 -11.16 -12.12 -12.90
N VAL A 640 -12.35 -12.49 -13.39
CA VAL A 640 -12.75 -13.89 -13.58
C VAL A 640 -13.18 -14.03 -15.03
N THR A 641 -12.36 -14.69 -15.85
CA THR A 641 -12.68 -14.78 -17.28
C THR A 641 -12.38 -16.15 -17.83
N ASN A 642 -13.24 -16.62 -18.74
CA ASN A 642 -12.97 -17.77 -19.59
C ASN A 642 -12.77 -19.04 -18.75
N ASN A 643 -13.74 -19.31 -17.88
CA ASN A 643 -13.69 -20.51 -17.05
C ASN A 643 -14.97 -21.30 -17.21
N THR A 644 -14.92 -22.55 -16.75
CA THR A 644 -16.09 -23.40 -16.66
C THR A 644 -16.13 -24.07 -15.31
N LEU A 645 -17.27 -23.93 -14.62
CA LEU A 645 -17.51 -24.53 -13.30
C LEU A 645 -18.59 -25.59 -13.44
N THR A 646 -18.21 -26.86 -13.28
CA THR A 646 -19.15 -27.97 -13.39
C THR A 646 -19.24 -28.68 -12.04
N ASN A 647 -20.44 -28.68 -11.47
CA ASN A 647 -20.70 -29.26 -10.14
C ASN A 647 -19.76 -28.66 -9.08
N VAL A 648 -19.95 -27.36 -8.85
CA VAL A 648 -19.13 -26.59 -7.92
C VAL A 648 -20.03 -25.97 -6.88
N GLY A 649 -19.69 -26.18 -5.60
CA GLY A 649 -20.27 -25.42 -4.51
C GLY A 649 -21.52 -26.00 -3.89
N LYS A 650 -21.97 -27.16 -4.35
CA LYS A 650 -23.20 -27.79 -3.89
C LYS A 650 -22.98 -28.70 -2.69
N GLY A 651 -21.85 -28.59 -2.01
CA GLY A 651 -21.55 -29.44 -0.87
C GLY A 651 -21.70 -28.74 0.47
N SER A 656 -28.25 -22.76 -0.76
CA SER A 656 -27.46 -22.93 0.46
C SER A 656 -26.12 -22.19 0.34
N GLY A 657 -25.14 -22.83 -0.28
CA GLY A 657 -23.83 -22.25 -0.48
C GLY A 657 -23.70 -21.51 -1.81
N ALA A 658 -22.46 -21.13 -2.11
CA ALA A 658 -22.17 -20.39 -3.34
C ALA A 658 -20.94 -20.98 -4.00
N SER A 659 -20.82 -20.75 -5.30
CA SER A 659 -19.68 -21.20 -6.07
C SER A 659 -18.61 -20.13 -6.19
N MET A 660 -19.01 -18.88 -6.13
CA MET A 660 -18.13 -17.74 -5.96
C MET A 660 -18.86 -16.72 -5.11
N TYR A 661 -18.12 -16.02 -4.26
CA TYR A 661 -18.70 -15.04 -3.35
C TYR A 661 -17.78 -13.83 -3.32
N PHE A 662 -18.33 -12.66 -3.66
CA PHE A 662 -17.56 -11.42 -3.68
C PHE A 662 -18.26 -10.36 -2.85
N HIS A 663 -17.51 -9.77 -1.93
CA HIS A 663 -18.10 -8.95 -0.88
C HIS A 663 -17.12 -7.83 -0.54
N GLY A 664 -17.49 -6.59 -0.82
CA GLY A 664 -16.55 -5.51 -0.60
C GLY A 664 -15.41 -5.45 -1.59
N VAL A 665 -15.54 -6.11 -2.74
CA VAL A 665 -14.56 -5.95 -3.81
C VAL A 665 -14.76 -4.59 -4.46
N GLN A 666 -13.68 -3.83 -4.63
CA GLN A 666 -13.82 -2.52 -5.24
C GLN A 666 -13.90 -2.58 -6.76
N LYS A 667 -13.38 -3.65 -7.37
CA LYS A 667 -13.34 -3.79 -8.83
C LYS A 667 -13.49 -5.26 -9.18
N LEU A 668 -14.62 -5.62 -9.79
CA LEU A 668 -14.95 -7.01 -10.09
C LEU A 668 -15.37 -7.16 -11.55
N ASN A 669 -14.67 -8.00 -12.28
CA ASN A 669 -14.95 -8.28 -13.69
C ASN A 669 -15.11 -9.78 -13.87
N ILE A 670 -16.31 -10.22 -14.29
CA ILE A 670 -16.60 -11.61 -14.57
C ILE A 670 -17.13 -11.72 -15.99
N SER A 671 -16.50 -12.58 -16.81
CA SER A 671 -16.97 -12.68 -18.18
C SER A 671 -16.56 -14.00 -18.81
N GLU A 672 -17.29 -14.40 -19.85
CA GLU A 672 -17.00 -15.59 -20.65
C GLU A 672 -16.85 -16.83 -19.76
N THR A 673 -17.79 -16.99 -18.83
CA THR A 673 -17.69 -18.06 -17.86
C THR A 673 -19.04 -18.77 -17.76
N LYS A 674 -19.00 -20.09 -17.69
CA LYS A 674 -20.19 -20.92 -17.66
C LYS A 674 -20.27 -21.65 -16.33
N TRP A 675 -21.40 -21.51 -15.66
CA TRP A 675 -21.74 -22.35 -14.53
C TRP A 675 -22.62 -23.50 -15.02
N ASP A 676 -22.32 -24.71 -14.55
CA ASP A 676 -23.06 -25.89 -15.00
C ASP A 676 -23.36 -26.75 -13.77
N ASN A 677 -24.64 -26.71 -13.35
CA ASN A 677 -25.10 -27.49 -12.20
C ASN A 677 -24.27 -27.14 -10.96
N SER A 678 -24.13 -25.86 -10.72
CA SER A 678 -23.30 -25.37 -9.63
C SER A 678 -24.12 -24.48 -8.72
N ALA A 679 -23.62 -24.29 -7.50
CA ALA A 679 -24.13 -23.22 -6.65
C ALA A 679 -24.04 -21.90 -7.41
N PRO A 680 -24.91 -20.94 -7.10
CA PRO A 680 -24.95 -19.70 -7.86
C PRO A 680 -23.79 -18.78 -7.50
N LEU A 681 -23.62 -17.75 -8.35
CA LEU A 681 -22.72 -16.65 -8.06
C LEU A 681 -23.37 -15.72 -7.06
N GLU A 682 -22.61 -15.31 -6.03
CA GLU A 682 -23.15 -14.46 -4.98
C GLU A 682 -22.35 -13.16 -4.93
N LEU A 683 -23.07 -12.05 -4.88
CA LEU A 683 -22.45 -10.75 -4.84
C LEU A 683 -23.05 -9.96 -3.70
N PHE A 684 -22.29 -9.02 -3.19
CA PHE A 684 -22.73 -8.10 -2.18
C PHE A 684 -22.04 -6.84 -2.53
N LEU A 685 -22.76 -5.85 -2.99
CA LEU A 685 -22.12 -4.63 -3.38
C LEU A 685 -22.21 -3.59 -2.30
N THR A 686 -21.05 -3.16 -1.82
CA THR A 686 -20.88 -2.21 -0.73
C THR A 686 -21.10 -0.78 -1.08
N ASN A 687 -21.34 0.03 -0.06
CA ASN A 687 -21.59 1.43 -0.28
C ASN A 687 -20.41 2.16 -0.93
N GLY A 688 -20.75 2.90 -1.95
CA GLY A 688 -19.73 3.58 -2.69
C GLY A 688 -20.09 3.22 -4.10
N GLY A 689 -19.05 3.03 -4.88
CA GLY A 689 -19.21 2.66 -6.26
C GLY A 689 -18.29 1.53 -6.60
N PRO A 690 -18.57 0.34 -6.11
CA PRO A 690 -17.77 -0.80 -6.52
C PRO A 690 -18.07 -1.06 -7.99
N ILE A 691 -17.05 -1.02 -8.85
CA ILE A 691 -17.25 -1.23 -10.27
C ILE A 691 -17.42 -2.73 -10.51
N THR A 692 -18.52 -3.10 -11.15
CA THR A 692 -18.90 -4.51 -11.27
C THR A 692 -19.59 -4.73 -12.61
N VAL A 693 -18.88 -5.35 -13.55
CA VAL A 693 -19.41 -5.69 -14.87
C VAL A 693 -19.42 -7.21 -15.01
N ILE A 694 -20.54 -7.75 -15.45
CA ILE A 694 -20.66 -9.18 -15.69
C ILE A 694 -21.23 -9.33 -17.09
N ASP A 695 -20.44 -9.85 -18.02
CA ASP A 695 -20.83 -9.97 -19.42
C ASP A 695 -20.56 -11.37 -19.94
N ASN A 696 -21.47 -11.88 -20.77
CA ASN A 696 -21.32 -13.15 -21.48
C ASN A 696 -21.06 -14.31 -20.52
N VAL A 697 -22.04 -14.58 -19.67
CA VAL A 697 -21.96 -15.72 -18.76
C VAL A 697 -23.20 -16.57 -18.93
N GLU A 698 -23.01 -17.88 -18.80
CA GLU A 698 -24.08 -18.86 -18.96
C GLU A 698 -24.28 -19.59 -17.63
N MET A 699 -25.50 -19.56 -17.11
CA MET A 699 -25.81 -20.21 -15.84
C MET A 699 -26.65 -21.47 -16.06
N LYS A 700 -26.07 -22.49 -16.69
CA LYS A 700 -26.80 -23.71 -17.03
C LYS A 700 -27.07 -24.54 -15.78
N ASN A 701 -28.35 -24.79 -15.51
CA ASN A 701 -28.76 -25.58 -14.33
C ASN A 701 -28.20 -24.97 -13.05
N THR A 702 -28.27 -23.65 -12.96
CA THR A 702 -27.67 -22.89 -11.86
C THR A 702 -28.66 -21.83 -11.43
N ASP A 703 -28.80 -21.66 -10.13
CA ASP A 703 -29.74 -20.67 -9.60
C ASP A 703 -29.33 -19.26 -10.02
N LYS A 704 -30.30 -18.34 -9.88
CA LYS A 704 -30.08 -16.97 -10.30
C LYS A 704 -28.98 -16.32 -9.47
N ILE A 705 -28.25 -15.41 -10.12
CA ILE A 705 -27.19 -14.67 -9.43
C ILE A 705 -27.76 -14.08 -8.15
N ARG A 706 -27.07 -14.35 -7.04
CA ARG A 706 -27.51 -13.91 -5.72
C ARG A 706 -26.83 -12.58 -5.40
N ALA A 707 -27.63 -11.53 -5.22
CA ALA A 707 -27.09 -10.21 -4.94
C ALA A 707 -28.01 -9.47 -3.96
N ASN A 708 -27.47 -8.40 -3.39
CA ASN A 708 -28.20 -7.58 -2.43
C ASN A 708 -28.91 -6.40 -3.09
N ASN A 709 -28.25 -5.77 -4.07
CA ASN A 709 -28.80 -4.66 -4.83
C ASN A 709 -28.63 -4.98 -6.31
N ASP A 710 -29.41 -4.29 -7.14
CA ASP A 710 -29.23 -4.37 -8.59
C ASP A 710 -28.20 -3.36 -9.08
N GLU A 711 -27.31 -2.92 -8.21
CA GLU A 711 -26.34 -1.85 -8.44
C GLU A 711 -25.24 -2.22 -9.45
N TYR A 712 -25.25 -3.38 -10.10
CA TYR A 712 -24.18 -3.76 -11.01
C TYR A 712 -24.66 -3.73 -12.46
N GLU A 713 -23.71 -3.60 -13.38
CA GLU A 713 -23.98 -3.70 -14.80
C GLU A 713 -23.84 -5.16 -15.23
N SER A 714 -24.82 -5.65 -16.00
CA SER A 714 -24.82 -7.02 -16.49
C SER A 714 -25.29 -7.04 -17.94
N SER A 715 -24.65 -7.90 -18.74
CA SER A 715 -25.01 -8.09 -20.14
C SER A 715 -24.82 -9.55 -20.53
N ASN A 716 -25.80 -10.09 -21.28
CA ASN A 716 -25.73 -11.44 -21.81
C ASN A 716 -25.59 -12.48 -20.69
N VAL A 717 -26.65 -12.57 -19.89
CA VAL A 717 -26.75 -13.57 -18.84
C VAL A 717 -27.82 -14.57 -19.25
N THR A 718 -27.38 -15.76 -19.61
CA THR A 718 -28.28 -16.79 -20.05
C THR A 718 -28.54 -17.78 -18.98
N TYR A 719 -29.79 -18.14 -18.79
CA TYR A 719 -30.11 -19.14 -17.80
C TYR A 719 -30.69 -20.38 -18.49
N ASP A 720 -29.98 -21.48 -18.44
CA ASP A 720 -30.44 -22.72 -19.02
C ASP A 720 -30.92 -23.65 -17.96
O1 V4W B . -11.53 5.34 8.56
O2 V4W B . -11.21 6.10 5.26
C1 V4W B . -11.90 5.55 7.43
C2 V4W B . -11.04 6.44 6.59
C3 V4W B . -11.38 7.90 6.71
C4 V4W B . -10.07 8.56 6.67
C5 V4W B . -9.70 8.33 5.26
C6 V4W B . -10.72 8.54 4.22
O3 V4W B . -12.04 8.33 7.87
O5 V4W B . -8.58 8.04 5.02
O6A V4W B . -11.87 8.91 4.27
O6B V4W B . -10.39 8.34 3.14
C1 GOL C . -11.17 4.23 -15.18
O1 GOL C . -12.39 3.52 -14.95
C2 GOL C . -10.09 3.66 -14.34
O2 GOL C . -10.53 2.94 -13.18
C3 GOL C . -9.10 4.69 -13.94
O3 GOL C . -8.08 4.97 -14.83
C1 GOL D . -19.29 -5.10 6.16
O1 GOL D . -18.96 -6.39 6.54
C2 GOL D . -19.83 -5.19 4.72
O2 GOL D . -21.04 -4.54 4.58
C3 GOL D . -18.72 -4.63 3.82
O3 GOL D . -19.01 -3.29 3.52
C1 EDO E . -12.54 -23.41 -19.90
O1 EDO E . -13.85 -22.91 -20.15
C2 EDO E . -11.51 -22.54 -20.64
O2 EDO E . -11.56 -22.86 -22.02
C1 EDO F . 0.54 -32.53 -20.07
O1 EDO F . -0.25 -32.36 -21.26
C2 EDO F . 0.39 -33.96 -19.56
O2 EDO F . -0.85 -34.13 -18.85
#